data_5I9I
#
_entry.id   5I9I
#
_cell.length_a   115.900
_cell.length_b   82.410
_cell.length_c   96.470
_cell.angle_alpha   90.000
_cell.angle_beta   115.500
_cell.angle_gamma   90.000
#
_symmetry.space_group_name_H-M   'C 1 2 1'
#
loop_
_entity.id
_entity.type
_entity.pdbx_description
1 polymer 'Platelet-activating factor acetylhydrolase'
2 non-polymer "N-[2-(diethylamino)ethyl]-2-{2-[(4-fluorobenzyl)sulfanyl]-4-oxo-4,5,6,7-tetrahydro-1H-cyclopenta[d]pyrimidin-1-yl}-N-{[ 4'-(trifluoromethyl)biphenyl-4-yl]methyl}acetamide"
3 non-polymer 'SULFATE ION'
4 water water
#
_entity_poly.entity_id   1
_entity_poly.type   'polypeptide(L)'
_entity_poly.pdbx_seq_one_letter_code
;GPLGSAAASFGQTKIPRGNGPYSVGCTDLMFDHTNKGTFLRLYYPSQDNDRLDTLWIPNKEYFWGLSKFLGTHWLMGNIL
RLLFGSMTTPANWNSPLRPGEKYPLVVFSHGLGAFRTLYSAIGIDLASHGFIVAAVEHRDRSASATYYFKDQSAAEIGDK
SWLYLRTLKQEEETHIRNEQVRQRAKECSQALSLILDIDHGKPVKNALDLKFDMEQLKDSIDREKIAVIGHSFGGATVIQ
TLSEDQRFRCGIALDAWMFPLGDEVYSRIPQPLFFINSEYFQYPANIIKMKKCYSPDKERKMITIRGSVHQNFADFTFAT
GKIIGHMLKLKGDIDSNVAIDLSNKASLAFLQKHLGLHKDFDQWDCLIEGDDENLIPGTNINTTNQHI
;
_entity_poly.pdbx_strand_id   A,B
#
# COMPACT_ATOMS: atom_id res chain seq x y z
N THR A 13 14.35 -33.95 -0.62
CA THR A 13 14.13 -35.20 -1.35
C THR A 13 12.75 -35.79 -1.04
N LYS A 14 12.34 -35.70 0.22
CA LYS A 14 11.02 -36.17 0.64
C LYS A 14 10.00 -35.03 0.67
N ILE A 15 10.51 -33.79 0.65
CA ILE A 15 9.66 -32.61 0.50
C ILE A 15 8.88 -32.71 -0.80
N PRO A 16 7.55 -32.65 -0.72
CA PRO A 16 6.69 -32.89 -1.89
C PRO A 16 6.87 -31.89 -3.03
N ARG A 17 6.78 -32.34 -4.27
CA ARG A 17 6.68 -31.45 -5.41
C ARG A 17 5.36 -30.70 -5.41
N GLY A 18 5.28 -29.65 -6.22
CA GLY A 18 4.04 -28.92 -6.38
C GLY A 18 3.06 -29.76 -7.17
N ASN A 19 1.79 -29.75 -6.75
CA ASN A 19 0.77 -30.53 -7.42
C ASN A 19 0.21 -29.83 -8.62
N GLY A 20 0.60 -28.55 -8.79
CA GLY A 20 0.04 -27.71 -9.83
C GLY A 20 0.82 -27.80 -11.13
N PRO A 21 0.21 -27.32 -12.22
CA PRO A 21 0.68 -27.43 -13.61
C PRO A 21 1.90 -26.58 -13.98
N TYR A 22 2.35 -25.67 -13.11
CA TYR A 22 3.54 -24.88 -13.41
C TYR A 22 4.81 -25.55 -12.86
N SER A 23 5.92 -25.41 -13.59
CA SER A 23 7.22 -25.75 -13.06
C SER A 23 7.66 -24.65 -12.08
N VAL A 24 8.42 -24.99 -11.05
CA VAL A 24 8.71 -24.01 -10.01
C VAL A 24 10.19 -23.68 -9.92
N GLY A 25 10.48 -22.39 -9.81
CA GLY A 25 11.84 -21.93 -9.66
C GLY A 25 12.01 -21.30 -8.31
N CYS A 26 13.23 -21.33 -7.78
CA CYS A 26 13.52 -20.66 -6.52
C CYS A 26 14.80 -19.80 -6.60
N THR A 27 14.78 -18.68 -5.88
CA THR A 27 15.96 -17.85 -5.74
C THR A 27 15.86 -17.02 -4.47
N ASP A 28 16.89 -16.21 -4.19
CA ASP A 28 16.92 -15.35 -3.01
C ASP A 28 17.14 -13.91 -3.38
N LEU A 29 16.48 -13.01 -2.65
CA LEU A 29 16.55 -11.58 -2.92
C LEU A 29 16.79 -10.78 -1.62
N MET A 30 17.90 -10.05 -1.58
CA MET A 30 18.17 -9.11 -0.49
C MET A 30 18.31 -7.68 -1.00
N PHE A 31 17.51 -6.78 -0.42
CA PHE A 31 17.61 -5.37 -0.75
C PHE A 31 16.85 -4.53 0.24
N ASP A 32 17.50 -3.50 0.81
CA ASP A 32 18.94 -3.29 0.60
C ASP A 32 19.80 -4.35 1.32
N HIS A 33 21.09 -4.12 1.41
CA HIS A 33 21.97 -5.13 1.96
C HIS A 33 22.01 -5.11 3.49
N THR A 34 21.36 -4.10 4.06
CA THR A 34 21.48 -3.83 5.50
C THR A 34 20.58 -4.67 6.37
N ASN A 35 20.73 -4.53 7.67
CA ASN A 35 19.85 -5.24 8.58
C ASN A 35 18.44 -4.65 8.60
N LYS A 36 18.25 -3.44 8.05
CA LYS A 36 16.92 -2.89 8.00
C LYS A 36 16.29 -3.11 6.62
N GLY A 37 17.05 -3.69 5.70
CA GLY A 37 16.55 -4.04 4.38
C GLY A 37 15.70 -5.29 4.36
N THR A 38 15.16 -5.64 3.20
CA THR A 38 14.32 -6.81 3.01
C THR A 38 15.12 -8.04 2.60
N PHE A 39 14.80 -9.19 3.21
CA PHE A 39 15.40 -10.46 2.83
C PHE A 39 14.28 -11.50 2.60
N LEU A 40 14.27 -12.09 1.41
CA LEU A 40 13.20 -13.01 1.09
C LEU A 40 13.67 -14.22 0.26
N ARG A 41 13.00 -15.36 0.39
CA ARG A 41 13.20 -16.42 -0.59
C ARG A 41 12.04 -16.39 -1.56
N LEU A 42 12.33 -16.36 -2.84
CA LEU A 42 11.28 -16.29 -3.84
C LEU A 42 11.03 -17.69 -4.46
N TYR A 43 9.75 -18.07 -4.53
CA TYR A 43 9.33 -19.23 -5.32
C TYR A 43 8.42 -18.71 -6.39
N TYR A 44 8.53 -19.29 -7.58
CA TYR A 44 7.83 -18.71 -8.72
C TYR A 44 7.67 -19.74 -9.82
N PRO A 45 6.75 -19.47 -10.77
CA PRO A 45 6.60 -20.37 -11.93
C PRO A 45 7.78 -20.22 -12.86
N SER A 46 8.53 -21.30 -13.07
CA SER A 46 9.67 -21.25 -13.98
C SER A 46 9.23 -21.59 -15.39
N GLN A 47 9.99 -21.10 -16.37
CA GLN A 47 9.64 -21.32 -17.78
C GLN A 47 9.99 -22.74 -18.15
N ASP A 48 11.21 -23.12 -17.79
CA ASP A 48 11.75 -24.45 -18.01
C ASP A 48 11.83 -25.27 -16.71
N ASN A 49 11.87 -26.60 -16.83
CA ASN A 49 11.95 -27.51 -15.68
C ASN A 49 13.14 -28.46 -15.81
N ASP A 50 14.35 -27.95 -15.62
CA ASP A 50 15.56 -28.68 -15.97
C ASP A 50 16.09 -29.55 -14.84
N ARG A 51 16.05 -29.05 -13.60
CA ARG A 51 16.41 -29.86 -12.44
C ARG A 51 15.98 -29.28 -11.07
N LEU A 52 15.51 -30.16 -10.18
CA LEU A 52 15.08 -29.75 -8.84
C LEU A 52 16.27 -29.75 -7.87
N ASP A 53 16.97 -28.62 -7.76
CA ASP A 53 18.29 -28.61 -7.14
C ASP A 53 18.53 -27.49 -6.10
N THR A 54 17.46 -26.81 -5.73
CA THR A 54 17.52 -25.78 -4.69
C THR A 54 17.91 -26.38 -3.35
N LEU A 55 18.99 -25.86 -2.78
CA LEU A 55 19.42 -26.35 -1.48
C LEU A 55 18.41 -25.88 -0.41
N TRP A 56 18.04 -26.80 0.47
CA TRP A 56 17.01 -26.55 1.49
C TRP A 56 17.45 -25.61 2.63
N ILE A 57 18.60 -25.91 3.22
CA ILE A 57 19.15 -25.09 4.28
C ILE A 57 20.56 -24.75 3.85
N PRO A 58 20.73 -23.53 3.33
CA PRO A 58 21.90 -23.10 2.54
C PRO A 58 23.15 -22.63 3.30
N ASN A 59 23.17 -22.64 4.63
CA ASN A 59 24.31 -22.11 5.38
C ASN A 59 24.45 -22.79 6.71
N LYS A 60 25.69 -23.04 7.12
CA LYS A 60 25.97 -23.74 8.37
C LYS A 60 25.32 -23.03 9.55
N GLU A 61 25.41 -21.70 9.56
CA GLU A 61 24.90 -20.87 10.64
C GLU A 61 23.44 -21.12 11.03
N TYR A 62 22.64 -21.60 10.08
CA TYR A 62 21.25 -22.00 10.40
C TYR A 62 21.18 -23.24 11.25
N PHE A 63 21.99 -24.24 10.92
CA PHE A 63 22.09 -25.46 11.74
C PHE A 63 22.64 -25.11 13.11
N TRP A 64 23.41 -24.03 13.19
CA TRP A 64 23.87 -23.56 14.47
C TRP A 64 22.68 -22.95 15.17
N GLY A 65 21.94 -22.14 14.42
CA GLY A 65 20.78 -21.47 14.97
C GLY A 65 19.70 -22.42 15.46
N LEU A 66 19.36 -23.42 14.65
CA LEU A 66 18.36 -24.40 15.00
C LEU A 66 18.75 -25.03 16.34
N SER A 67 19.95 -25.59 16.38
CA SER A 67 20.52 -26.17 17.59
C SER A 67 20.34 -25.26 18.81
N LYS A 68 20.75 -23.99 18.69
CA LYS A 68 20.60 -23.06 19.80
C LYS A 68 19.13 -22.87 20.17
N PHE A 69 18.28 -22.73 19.15
CA PHE A 69 16.84 -22.58 19.36
C PHE A 69 16.24 -23.80 20.05
N LEU A 70 16.63 -24.98 19.59
CA LEU A 70 15.98 -26.22 19.99
C LEU A 70 16.35 -26.66 21.39
N GLY A 71 17.37 -26.04 21.96
CA GLY A 71 17.82 -26.42 23.30
C GLY A 71 19.20 -27.06 23.30
N THR A 72 19.49 -27.78 22.22
CA THR A 72 20.79 -28.40 21.97
C THR A 72 21.98 -27.45 22.16
N HIS A 73 23.18 -28.02 22.13
CA HIS A 73 24.38 -27.25 22.40
C HIS A 73 25.10 -26.87 21.10
N TRP A 74 26.22 -27.51 20.82
CA TRP A 74 27.01 -27.18 19.64
C TRP A 74 27.02 -28.34 18.67
N LEU A 75 27.25 -29.54 19.22
CA LEU A 75 27.38 -30.77 18.44
C LEU A 75 26.13 -31.07 17.62
N MET A 76 24.97 -30.66 18.11
CA MET A 76 23.75 -30.94 17.39
C MET A 76 23.68 -30.04 16.16
N GLY A 77 24.29 -28.86 16.26
CA GLY A 77 24.50 -28.03 15.09
C GLY A 77 25.11 -28.87 13.98
N ASN A 78 26.22 -29.55 14.30
CA ASN A 78 26.92 -30.38 13.32
C ASN A 78 26.14 -31.65 12.95
N ILE A 79 25.51 -32.31 13.91
CA ILE A 79 24.75 -33.50 13.57
C ILE A 79 23.60 -33.14 12.62
N LEU A 80 22.85 -32.08 12.94
CA LEU A 80 21.78 -31.61 12.06
C LEU A 80 22.32 -31.20 10.68
N ARG A 81 23.46 -30.51 10.69
CA ARG A 81 24.12 -30.15 9.46
C ARG A 81 24.56 -31.37 8.65
N LEU A 82 25.14 -32.37 9.32
CA LEU A 82 25.61 -33.56 8.63
C LEU A 82 24.41 -34.34 8.10
N LEU A 83 23.31 -34.35 8.85
CA LEU A 83 22.14 -35.06 8.37
C LEU A 83 21.42 -34.32 7.24
N PHE A 84 21.38 -32.98 7.30
CA PHE A 84 20.49 -32.26 6.39
C PHE A 84 21.13 -31.26 5.40
N GLY A 85 22.39 -30.89 5.65
CA GLY A 85 23.05 -29.82 4.91
C GLY A 85 23.18 -29.99 3.42
N SER A 86 22.73 -31.12 2.89
CA SER A 86 22.88 -31.41 1.47
C SER A 86 21.52 -31.61 0.82
N MET A 87 20.52 -31.74 1.68
CA MET A 87 19.16 -31.99 1.25
C MET A 87 18.68 -30.88 0.35
N THR A 88 18.05 -31.28 -0.76
CA THR A 88 17.50 -30.36 -1.72
C THR A 88 16.00 -30.15 -1.43
N THR A 89 15.41 -29.13 -2.04
CA THR A 89 13.96 -28.91 -1.98
C THR A 89 13.50 -28.75 -3.45
N PRO A 90 12.39 -29.40 -3.80
CA PRO A 90 12.06 -29.60 -5.24
C PRO A 90 11.71 -28.33 -6.02
N ALA A 91 12.70 -27.45 -6.24
CA ALA A 91 12.51 -26.26 -7.06
C ALA A 91 13.74 -26.03 -7.92
N ASN A 92 13.54 -25.50 -9.14
CA ASN A 92 14.67 -25.19 -10.05
C ASN A 92 15.41 -23.92 -9.64
N TRP A 93 16.59 -24.06 -9.04
CA TRP A 93 17.37 -22.88 -8.61
C TRP A 93 17.68 -21.89 -9.76
N ASN A 94 17.23 -20.64 -9.58
CA ASN A 94 17.53 -19.51 -10.47
C ASN A 94 16.99 -19.70 -11.88
N SER A 95 16.09 -20.67 -12.03
CA SER A 95 15.43 -20.89 -13.31
C SER A 95 14.75 -19.62 -13.72
N PRO A 96 14.77 -19.32 -15.03
CA PRO A 96 14.06 -18.11 -15.47
C PRO A 96 12.58 -18.12 -15.10
N LEU A 97 12.06 -16.93 -14.77
CA LEU A 97 10.64 -16.75 -14.54
C LEU A 97 9.85 -17.05 -15.82
N ARG A 98 8.76 -17.80 -15.70
CA ARG A 98 7.90 -18.03 -16.85
C ARG A 98 7.23 -16.72 -17.25
N PRO A 99 7.31 -16.36 -18.54
CA PRO A 99 6.81 -15.06 -18.99
C PRO A 99 5.37 -15.06 -19.45
N GLY A 100 4.91 -13.91 -19.95
CA GLY A 100 3.61 -13.80 -20.59
C GLY A 100 2.39 -13.81 -19.70
N GLU A 101 2.58 -13.72 -18.40
CA GLU A 101 1.45 -13.65 -17.49
C GLU A 101 1.82 -12.88 -16.22
N LYS A 102 0.80 -12.28 -15.60
CA LYS A 102 0.90 -11.67 -14.29
C LYS A 102 0.43 -12.66 -13.21
N TYR A 103 1.26 -12.84 -12.20
CA TYR A 103 0.99 -13.78 -11.14
C TYR A 103 0.50 -13.09 -9.88
N PRO A 104 -0.47 -13.70 -9.20
CA PRO A 104 -0.83 -13.15 -7.89
C PRO A 104 0.28 -13.43 -6.91
N LEU A 105 0.37 -12.61 -5.86
CA LEU A 105 1.54 -12.62 -5.00
C LEU A 105 1.21 -12.96 -3.54
N VAL A 106 1.96 -13.91 -2.99
CA VAL A 106 1.89 -14.19 -1.56
C VAL A 106 3.15 -13.75 -0.81
N VAL A 107 2.98 -13.03 0.30
CA VAL A 107 4.10 -12.79 1.22
C VAL A 107 3.96 -13.63 2.49
N PHE A 108 5.00 -14.42 2.78
CA PHE A 108 4.93 -15.47 3.80
C PHE A 108 5.87 -15.26 4.98
N SER A 109 5.31 -15.33 6.19
CA SER A 109 6.04 -15.12 7.44
C SER A 109 6.35 -16.39 8.28
N HIS A 110 7.62 -16.77 8.39
CA HIS A 110 8.01 -17.95 9.17
C HIS A 110 7.74 -17.78 10.68
N GLY A 111 7.77 -18.89 11.41
CA GLY A 111 7.45 -18.88 12.83
C GLY A 111 8.69 -18.74 13.69
N LEU A 112 8.51 -18.75 15.00
CA LEU A 112 9.60 -18.59 15.95
C LEU A 112 10.66 -19.69 15.77
N GLY A 113 11.93 -19.27 15.75
CA GLY A 113 13.05 -20.19 15.55
C GLY A 113 13.12 -20.79 14.16
N ALA A 114 12.46 -20.16 13.19
CA ALA A 114 12.55 -20.60 11.80
C ALA A 114 13.32 -19.58 10.97
N PHE A 115 13.29 -19.73 9.65
CA PHE A 115 13.90 -18.78 8.73
C PHE A 115 13.24 -19.02 7.36
N ARG A 116 13.67 -18.27 6.36
CA ARG A 116 12.89 -18.13 5.12
C ARG A 116 12.73 -19.43 4.33
N THR A 117 13.55 -20.44 4.60
CA THR A 117 13.58 -21.62 3.74
C THR A 117 12.80 -22.81 4.27
N LEU A 118 12.29 -22.72 5.50
CA LEU A 118 11.65 -23.86 6.13
C LEU A 118 10.15 -24.04 5.85
N TYR A 119 9.65 -23.38 4.81
CA TYR A 119 8.25 -23.53 4.47
C TYR A 119 8.09 -23.71 2.96
N SER A 120 9.09 -24.33 2.36
CA SER A 120 9.09 -24.61 0.93
C SER A 120 7.95 -25.53 0.44
N ALA A 121 7.47 -26.46 1.26
CA ALA A 121 6.38 -27.33 0.80
C ALA A 121 5.19 -26.44 0.43
N ILE A 122 4.92 -25.46 1.27
CA ILE A 122 3.86 -24.49 1.02
C ILE A 122 4.23 -23.64 -0.16
N GLY A 123 5.39 -22.98 -0.04
CA GLY A 123 5.90 -22.09 -1.06
C GLY A 123 5.87 -22.70 -2.44
N ILE A 124 6.45 -23.88 -2.56
CA ILE A 124 6.55 -24.56 -3.85
C ILE A 124 5.19 -24.94 -4.45
N ASP A 125 4.28 -25.49 -3.65
CA ASP A 125 3.00 -25.91 -4.20
C ASP A 125 2.24 -24.69 -4.68
N LEU A 126 2.28 -23.64 -3.86
CA LEU A 126 1.65 -22.38 -4.21
C LEU A 126 2.17 -21.86 -5.57
N ALA A 127 3.48 -21.89 -5.76
CA ALA A 127 4.05 -21.43 -7.01
C ALA A 127 3.61 -22.34 -8.16
N SER A 128 3.57 -23.66 -7.92
CA SER A 128 3.14 -24.58 -8.99
C SER A 128 1.72 -24.31 -9.46
N HIS A 129 0.99 -23.45 -8.75
CA HIS A 129 -0.34 -23.03 -9.19
C HIS A 129 -0.47 -21.58 -9.71
N GLY A 130 0.64 -20.95 -10.06
CA GLY A 130 0.57 -19.62 -10.65
C GLY A 130 0.87 -18.48 -9.69
N PHE A 131 1.45 -18.84 -8.55
CA PHE A 131 1.82 -17.85 -7.56
C PHE A 131 3.30 -17.54 -7.61
N ILE A 132 3.62 -16.28 -7.37
CA ILE A 132 4.94 -15.88 -6.92
C ILE A 132 4.83 -15.82 -5.41
N VAL A 133 5.81 -16.39 -4.71
CA VAL A 133 5.78 -16.39 -3.26
C VAL A 133 7.09 -15.82 -2.69
N ALA A 134 6.94 -14.81 -1.84
CA ALA A 134 8.09 -14.22 -1.18
C ALA A 134 8.07 -14.59 0.30
N ALA A 135 8.87 -15.59 0.65
CA ALA A 135 9.05 -15.99 2.04
C ALA A 135 10.12 -15.12 2.64
N VAL A 136 9.72 -14.29 3.60
CA VAL A 136 10.62 -13.27 4.14
C VAL A 136 11.45 -13.87 5.26
N GLU A 137 12.63 -13.32 5.49
CA GLU A 137 13.40 -13.68 6.65
C GLU A 137 13.29 -12.54 7.63
N HIS A 138 12.79 -12.84 8.81
CA HIS A 138 12.55 -11.79 9.76
C HIS A 138 13.83 -11.41 10.49
N ARG A 139 14.02 -10.12 10.69
CA ARG A 139 15.21 -9.63 11.37
C ARG A 139 14.88 -9.10 12.76
N ASP A 140 13.87 -9.68 13.40
CA ASP A 140 13.43 -9.22 14.72
C ASP A 140 14.04 -10.08 15.83
N ARG A 141 15.05 -10.87 15.47
CA ARG A 141 15.64 -11.86 16.37
C ARG A 141 14.61 -12.91 16.83
N SER A 142 13.65 -13.18 15.96
CA SER A 142 12.76 -14.31 16.14
C SER A 142 13.18 -15.49 15.26
N ALA A 143 13.93 -15.24 14.19
CA ALA A 143 14.47 -16.34 13.40
C ALA A 143 15.56 -17.04 14.23
N SER A 144 15.87 -18.29 13.91
CA SER A 144 16.98 -18.96 14.60
C SER A 144 18.24 -18.19 14.34
N ALA A 145 18.58 -18.10 13.05
CA ALA A 145 19.62 -17.21 12.56
C ALA A 145 19.07 -16.45 11.38
N THR A 146 19.71 -15.33 11.07
CA THR A 146 19.53 -14.66 9.80
C THR A 146 20.83 -13.93 9.54
N TYR A 147 21.03 -13.44 8.33
CA TYR A 147 22.17 -12.55 8.10
C TYR A 147 21.88 -11.33 7.22
N TYR A 148 22.85 -10.40 7.22
CA TYR A 148 22.82 -9.15 6.46
C TYR A 148 24.25 -8.67 6.21
N PHE A 149 24.40 -7.50 5.61
CA PHE A 149 25.72 -6.96 5.30
C PHE A 149 25.94 -5.58 5.89
N LYS A 150 27.04 -5.42 6.64
CA LYS A 150 27.36 -4.14 7.28
C LYS A 150 27.65 -3.03 6.28
N ASP A 151 28.19 -3.35 5.11
CA ASP A 151 28.30 -2.39 4.02
C ASP A 151 28.34 -3.02 2.63
N GLN A 152 28.19 -2.18 1.63
CA GLN A 152 28.15 -2.59 0.24
C GLN A 152 29.35 -3.46 -0.18
N SER A 153 30.53 -3.20 0.39
CA SER A 153 31.69 -4.03 0.04
C SER A 153 31.63 -5.36 0.76
N ALA A 154 30.92 -5.42 1.88
CA ALA A 154 30.80 -6.72 2.57
C ALA A 154 29.90 -7.59 1.72
N ALA A 155 28.85 -7.00 1.20
CA ALA A 155 27.90 -7.73 0.39
C ALA A 155 28.62 -8.29 -0.82
N GLU A 156 29.57 -7.51 -1.32
CA GLU A 156 30.29 -7.85 -2.54
C GLU A 156 31.22 -9.05 -2.36
N ILE A 157 31.71 -9.25 -1.14
CA ILE A 157 32.71 -10.25 -0.79
C ILE A 157 32.03 -11.48 -0.15
N GLY A 158 30.74 -11.32 0.16
CA GLY A 158 29.98 -12.33 0.85
C GLY A 158 30.33 -12.39 2.32
N ASP A 159 30.73 -11.24 2.86
CA ASP A 159 31.17 -11.15 4.25
C ASP A 159 29.94 -10.95 5.14
N LYS A 160 29.26 -12.06 5.43
CA LYS A 160 27.96 -12.04 6.13
C LYS A 160 28.07 -11.73 7.63
N SER A 161 27.16 -10.87 8.11
CA SER A 161 26.98 -10.64 9.54
C SER A 161 25.74 -11.38 10.05
N TRP A 162 25.94 -12.23 11.04
CA TRP A 162 24.90 -13.14 11.48
C TRP A 162 24.20 -12.68 12.72
N LEU A 163 22.90 -12.92 12.74
CA LEU A 163 22.00 -12.48 13.79
C LEU A 163 21.25 -13.69 14.35
N TYR A 164 21.46 -14.03 15.62
CA TYR A 164 20.78 -15.22 16.16
C TYR A 164 19.63 -14.88 17.09
N LEU A 165 18.72 -15.85 17.22
CA LEU A 165 17.50 -15.72 17.99
C LEU A 165 17.78 -15.21 19.39
N ARG A 166 16.93 -14.29 19.80
CA ARG A 166 16.95 -13.75 21.15
C ARG A 166 16.04 -14.57 22.08
N THR A 167 16.55 -14.94 23.26
CA THR A 167 15.72 -15.66 24.24
C THR A 167 15.24 -14.67 25.31
N LEU A 168 14.00 -14.84 25.76
CA LEU A 168 13.39 -13.83 26.62
C LEU A 168 13.06 -14.32 28.05
N LYS A 169 13.20 -13.41 29.01
CA LYS A 169 12.77 -13.63 30.38
C LYS A 169 11.27 -13.34 30.48
N GLN A 170 10.59 -13.99 31.42
CA GLN A 170 9.15 -13.81 31.60
C GLN A 170 8.70 -12.35 31.49
N GLU A 171 9.16 -11.52 32.43
CA GLU A 171 8.80 -10.11 32.49
C GLU A 171 8.88 -9.44 31.12
N GLU A 172 9.74 -9.96 30.26
CA GLU A 172 10.07 -9.37 28.98
C GLU A 172 9.05 -9.70 27.88
N GLU A 173 8.45 -10.88 28.03
CA GLU A 173 7.79 -11.54 26.92
C GLU A 173 6.54 -10.86 26.34
N THR A 174 5.93 -9.94 27.07
CA THR A 174 4.75 -9.28 26.52
C THR A 174 5.14 -8.05 25.67
N HIS A 175 5.99 -7.17 26.18
CA HIS A 175 6.44 -6.04 25.41
C HIS A 175 7.22 -6.47 24.15
N ILE A 176 8.03 -7.51 24.29
CA ILE A 176 8.99 -7.84 23.24
C ILE A 176 8.33 -8.54 22.06
N ARG A 177 7.53 -9.55 22.35
CA ARG A 177 6.83 -10.26 21.28
C ARG A 177 5.98 -9.31 20.45
N ASN A 178 5.38 -8.33 21.11
CA ASN A 178 4.51 -7.41 20.41
C ASN A 178 5.31 -6.40 19.62
N GLU A 179 6.41 -5.94 20.21
CA GLU A 179 7.34 -5.07 19.49
C GLU A 179 7.85 -5.84 18.28
N GLN A 180 8.00 -7.15 18.45
CA GLN A 180 8.43 -8.03 17.37
C GLN A 180 7.39 -8.23 16.27
N VAL A 181 6.13 -8.51 16.64
CA VAL A 181 5.14 -8.69 15.61
C VAL A 181 4.89 -7.36 14.84
N ARG A 182 5.18 -6.23 15.47
CA ARG A 182 5.09 -4.97 14.75
C ARG A 182 6.22 -4.87 13.71
N GLN A 183 7.40 -5.34 14.08
CA GLN A 183 8.51 -5.30 13.16
C GLN A 183 8.23 -6.27 12.01
N ARG A 184 7.55 -7.37 12.32
CA ARG A 184 7.37 -8.44 11.32
C ARG A 184 6.40 -7.95 10.27
N ALA A 185 5.42 -7.18 10.73
CA ALA A 185 4.44 -6.55 9.85
C ALA A 185 5.12 -5.54 8.94
N LYS A 186 5.98 -4.71 9.51
CA LYS A 186 6.70 -3.72 8.69
C LYS A 186 7.57 -4.43 7.68
N GLU A 187 8.07 -5.63 8.02
CA GLU A 187 8.92 -6.38 7.10
C GLU A 187 8.13 -7.08 5.99
N CYS A 188 6.95 -7.64 6.30
CA CYS A 188 6.03 -8.11 5.28
C CYS A 188 5.62 -6.99 4.36
N SER A 189 5.19 -5.87 4.95
CA SER A 189 4.84 -4.71 4.14
C SER A 189 6.02 -4.22 3.30
N GLN A 190 7.23 -4.32 3.82
CA GLN A 190 8.36 -3.76 3.10
C GLN A 190 8.73 -4.66 1.93
N ALA A 191 8.66 -5.98 2.13
CA ALA A 191 8.97 -6.96 1.06
C ALA A 191 7.97 -6.77 -0.08
N LEU A 192 6.70 -6.66 0.29
CA LEU A 192 5.67 -6.27 -0.66
C LEU A 192 6.10 -5.05 -1.50
N SER A 193 6.60 -4.03 -0.84
CA SER A 193 7.00 -2.81 -1.54
C SER A 193 8.19 -3.05 -2.46
N LEU A 194 9.14 -3.84 -1.97
CA LEU A 194 10.31 -4.17 -2.75
C LEU A 194 9.86 -4.75 -4.07
N ILE A 195 9.12 -5.87 -3.99
CA ILE A 195 8.57 -6.55 -5.16
C ILE A 195 7.78 -5.61 -6.07
N LEU A 196 6.75 -4.97 -5.51
CA LEU A 196 5.91 -4.03 -6.27
C LEU A 196 6.74 -2.97 -7.01
N ASP A 197 7.78 -2.47 -6.38
CA ASP A 197 8.57 -1.46 -7.03
C ASP A 197 9.41 -2.09 -8.14
N ILE A 198 9.91 -3.31 -7.92
CA ILE A 198 10.64 -4.02 -8.96
C ILE A 198 9.70 -4.23 -10.14
N ASP A 199 8.50 -4.68 -9.82
CA ASP A 199 7.45 -4.87 -10.80
C ASP A 199 7.22 -3.62 -11.68
N HIS A 200 7.40 -2.44 -11.12
CA HIS A 200 7.22 -1.22 -11.92
C HIS A 200 8.55 -0.52 -12.26
N GLY A 201 9.60 -1.30 -12.41
CA GLY A 201 10.84 -0.86 -13.02
C GLY A 201 11.90 -0.24 -12.13
N LYS A 202 11.77 -0.38 -10.82
CA LYS A 202 12.81 0.16 -9.97
C LYS A 202 14.05 -0.72 -10.13
N PRO A 203 15.15 -0.12 -10.58
CA PRO A 203 16.40 -0.89 -10.73
C PRO A 203 16.91 -1.31 -9.37
N VAL A 204 17.21 -2.58 -9.18
CA VAL A 204 17.72 -3.01 -7.88
C VAL A 204 18.91 -3.97 -8.04
N LYS A 205 20.00 -3.66 -7.34
CA LYS A 205 21.10 -4.62 -7.22
C LYS A 205 20.86 -5.54 -6.02
N ASN A 206 20.56 -6.80 -6.29
CA ASN A 206 20.50 -7.81 -5.23
C ASN A 206 21.81 -7.80 -4.44
N ALA A 207 21.73 -7.81 -3.11
CA ALA A 207 22.93 -7.89 -2.28
C ALA A 207 23.61 -9.25 -2.41
N LEU A 208 22.91 -10.21 -3.01
CA LEU A 208 23.55 -11.48 -3.33
C LEU A 208 23.75 -11.58 -4.85
N ASP A 209 24.86 -12.17 -5.26
CA ASP A 209 25.12 -12.43 -6.68
C ASP A 209 24.52 -13.78 -7.08
N LEU A 210 23.53 -13.76 -7.97
CA LEU A 210 22.85 -15.00 -8.37
C LEU A 210 22.46 -14.96 -9.84
N LYS A 211 22.42 -16.11 -10.50
CA LYS A 211 22.13 -16.16 -11.93
C LYS A 211 20.84 -15.43 -12.29
N PHE A 212 19.87 -15.47 -11.39
CA PHE A 212 18.54 -14.95 -11.67
C PHE A 212 18.56 -13.43 -11.75
N ASP A 213 18.33 -12.91 -12.95
CA ASP A 213 18.31 -11.48 -13.16
C ASP A 213 16.95 -10.94 -12.73
N MET A 214 16.96 -10.25 -11.58
CA MET A 214 15.79 -9.62 -11.00
C MET A 214 14.93 -8.77 -11.92
N GLU A 215 15.46 -8.38 -13.08
CA GLU A 215 14.69 -7.60 -14.01
C GLU A 215 13.50 -8.38 -14.62
N GLN A 216 13.52 -9.71 -14.51
CA GLN A 216 12.47 -10.51 -15.15
C GLN A 216 11.14 -10.22 -14.48
N LEU A 217 11.21 -9.80 -13.22
CA LEU A 217 10.03 -9.56 -12.41
C LEU A 217 9.23 -8.35 -12.85
N LYS A 218 9.86 -7.48 -13.64
CA LYS A 218 9.22 -6.31 -14.20
C LYS A 218 7.88 -6.73 -14.81
N ASP A 219 6.83 -5.97 -14.51
CA ASP A 219 5.51 -6.19 -15.09
C ASP A 219 5.02 -7.65 -14.98
N SER A 220 5.28 -8.33 -13.88
CA SER A 220 4.94 -9.75 -13.78
C SER A 220 3.99 -10.06 -12.62
N ILE A 221 3.53 -9.01 -11.94
CA ILE A 221 2.70 -9.15 -10.75
C ILE A 221 1.28 -8.62 -11.00
N ASP A 222 0.28 -9.38 -10.59
CA ASP A 222 -1.09 -8.93 -10.54
C ASP A 222 -1.26 -8.17 -9.23
N ARG A 223 -1.30 -6.85 -9.31
CA ARG A 223 -1.16 -6.02 -8.13
C ARG A 223 -2.42 -5.94 -7.28
N GLU A 224 -3.52 -6.45 -7.80
CA GLU A 224 -4.75 -6.41 -7.02
C GLU A 224 -4.88 -7.65 -6.15
N LYS A 225 -4.01 -8.64 -6.39
CA LYS A 225 -4.13 -9.96 -5.77
C LYS A 225 -2.90 -10.32 -4.93
N ILE A 226 -2.89 -9.77 -3.73
CA ILE A 226 -1.82 -10.00 -2.78
C ILE A 226 -2.41 -10.66 -1.55
N ALA A 227 -1.71 -11.63 -1.00
CA ALA A 227 -2.15 -12.25 0.23
C ALA A 227 -0.98 -12.41 1.17
N VAL A 228 -1.26 -12.46 2.47
CA VAL A 228 -0.18 -12.69 3.42
C VAL A 228 -0.53 -13.96 4.18
N ILE A 229 0.46 -14.84 4.27
CA ILE A 229 0.28 -16.11 4.93
C ILE A 229 1.44 -16.26 5.87
N GLY A 230 1.22 -16.91 7.01
CA GLY A 230 2.33 -17.22 7.89
C GLY A 230 1.99 -18.36 8.81
N HIS A 231 2.99 -18.93 9.44
CA HIS A 231 2.77 -20.03 10.37
C HIS A 231 3.08 -19.60 11.79
N SER A 232 2.17 -19.91 12.72
CA SER A 232 2.46 -19.76 14.16
C SER A 232 2.74 -18.30 14.54
N PHE A 233 3.97 -17.96 14.89
CA PHE A 233 4.30 -16.55 15.09
C PHE A 233 3.95 -15.81 13.78
N GLY A 234 4.14 -16.49 12.65
CA GLY A 234 3.83 -15.92 11.35
C GLY A 234 2.35 -15.70 11.14
N GLY A 235 1.52 -16.55 11.76
CA GLY A 235 0.09 -16.38 11.75
C GLY A 235 -0.33 -15.11 12.49
N ALA A 236 0.27 -14.87 13.65
CA ALA A 236 0.02 -13.61 14.33
C ALA A 236 0.47 -12.45 13.46
N THR A 237 1.54 -12.67 12.70
CA THR A 237 2.06 -11.67 11.76
C THR A 237 1.08 -11.38 10.60
N VAL A 238 0.44 -12.42 10.07
CA VAL A 238 -0.65 -12.20 9.13
C VAL A 238 -1.69 -11.21 9.69
N ILE A 239 -2.05 -11.34 10.95
CA ILE A 239 -3.15 -10.55 11.48
C ILE A 239 -2.73 -9.11 11.69
N GLN A 240 -1.50 -8.89 12.18
CA GLN A 240 -0.93 -7.53 12.30
C GLN A 240 -0.75 -6.85 10.96
N THR A 241 -0.34 -7.64 9.96
CA THR A 241 -0.04 -7.12 8.64
C THR A 241 -1.29 -6.56 7.95
N LEU A 242 -2.35 -7.37 7.91
CA LEU A 242 -3.64 -6.95 7.37
C LEU A 242 -4.12 -5.68 8.05
N SER A 243 -3.96 -5.66 9.36
CA SER A 243 -4.31 -4.54 10.22
C SER A 243 -3.76 -3.21 9.71
N GLU A 244 -2.50 -3.21 9.29
CA GLU A 244 -1.81 -1.97 8.98
C GLU A 244 -1.69 -1.72 7.48
N ASP A 245 -1.98 -2.71 6.65
CA ASP A 245 -1.69 -2.66 5.21
C ASP A 245 -2.79 -3.24 4.33
N GLN A 246 -3.61 -2.38 3.75
CA GLN A 246 -4.71 -2.84 2.90
C GLN A 246 -4.28 -3.24 1.47
N ARG A 247 -2.98 -3.13 1.15
CA ARG A 247 -2.52 -3.74 -0.09
C ARG A 247 -2.74 -5.24 0.00
N PHE A 248 -2.61 -5.80 1.20
CA PHE A 248 -2.87 -7.22 1.44
C PHE A 248 -4.37 -7.41 1.51
N ARG A 249 -4.90 -8.21 0.59
CA ARG A 249 -6.34 -8.23 0.32
C ARG A 249 -7.04 -9.31 1.08
N CYS A 250 -6.27 -10.28 1.56
CA CYS A 250 -6.75 -11.32 2.45
C CYS A 250 -5.54 -12.00 3.09
N GLY A 251 -5.76 -12.65 4.22
CA GLY A 251 -4.67 -13.34 4.88
C GLY A 251 -5.03 -14.77 5.26
N ILE A 252 -4.01 -15.60 5.45
CA ILE A 252 -4.22 -16.98 5.88
C ILE A 252 -3.23 -17.30 6.99
N ALA A 253 -3.75 -17.57 8.18
CA ALA A 253 -2.91 -17.86 9.34
C ALA A 253 -2.88 -19.37 9.65
N LEU A 254 -1.70 -19.98 9.49
CA LEU A 254 -1.52 -21.41 9.73
C LEU A 254 -1.14 -21.63 11.18
N ASP A 255 -2.07 -22.20 11.96
CA ASP A 255 -1.98 -22.24 13.43
C ASP A 255 -1.36 -21.01 14.04
N ALA A 256 -2.03 -19.86 13.91
CA ALA A 256 -1.53 -18.62 14.49
C ALA A 256 -1.31 -18.76 15.99
N TRP A 257 -0.25 -18.13 16.46
CA TRP A 257 0.03 -17.98 17.89
C TRP A 257 -0.29 -16.53 18.28
N MET A 258 -1.43 -16.34 18.94
CA MET A 258 -2.05 -15.03 19.03
C MET A 258 -1.53 -14.14 20.14
N PHE A 259 -0.65 -14.68 20.98
CA PHE A 259 -0.12 -13.95 22.14
C PHE A 259 0.54 -12.58 21.82
N PRO A 260 1.28 -12.43 20.70
CA PRO A 260 1.94 -11.13 20.49
C PRO A 260 1.04 -9.94 20.10
N LEU A 261 -0.26 -10.19 19.92
CA LEU A 261 -1.14 -9.16 19.39
C LEU A 261 -1.71 -8.29 20.49
N GLY A 262 -1.71 -6.99 20.27
CA GLY A 262 -2.41 -6.07 21.15
C GLY A 262 -3.89 -6.22 20.88
N ASP A 263 -4.71 -5.74 21.81
CA ASP A 263 -6.16 -5.96 21.71
C ASP A 263 -6.76 -5.06 20.65
N GLU A 264 -5.92 -4.20 20.09
CA GLU A 264 -6.40 -3.22 19.13
C GLU A 264 -6.50 -3.78 17.71
N VAL A 265 -5.81 -4.87 17.41
CA VAL A 265 -5.83 -5.36 16.02
C VAL A 265 -7.19 -5.88 15.61
N TYR A 266 -7.89 -6.49 16.54
CA TYR A 266 -9.09 -7.28 16.23
C TYR A 266 -10.14 -6.44 15.54
N SER A 267 -10.32 -5.20 15.99
CA SER A 267 -11.34 -4.36 15.39
C SER A 267 -10.85 -3.70 14.10
N ARG A 268 -9.56 -3.87 13.78
CA ARG A 268 -8.93 -3.14 12.68
C ARG A 268 -8.70 -3.94 11.38
N ILE A 269 -9.16 -5.19 11.29
CA ILE A 269 -8.90 -6.01 10.10
C ILE A 269 -10.10 -6.23 9.16
N PRO A 270 -10.16 -5.48 8.06
CA PRO A 270 -11.34 -5.68 7.19
C PRO A 270 -11.25 -6.84 6.16
N GLN A 271 -10.03 -7.20 5.76
CA GLN A 271 -9.84 -8.24 4.74
C GLN A 271 -10.31 -9.59 5.22
N PRO A 272 -10.70 -10.46 4.31
CA PRO A 272 -11.06 -11.80 4.74
C PRO A 272 -9.84 -12.55 5.34
N LEU A 273 -10.08 -13.37 6.38
CA LEU A 273 -9.03 -14.06 7.10
C LEU A 273 -9.36 -15.53 7.32
N PHE A 274 -8.37 -16.40 7.10
CA PHE A 274 -8.58 -17.85 7.14
C PHE A 274 -7.66 -18.50 8.16
N PHE A 275 -8.26 -19.19 9.12
CA PHE A 275 -7.51 -19.92 10.15
C PHE A 275 -7.40 -21.39 9.81
N ILE A 276 -6.21 -21.84 9.45
CA ILE A 276 -6.00 -23.27 9.35
C ILE A 276 -5.17 -23.74 10.54
N ASN A 277 -5.83 -24.46 11.44
CA ASN A 277 -5.22 -24.97 12.67
C ASN A 277 -4.77 -26.46 12.63
N SER A 278 -3.85 -26.84 13.51
CA SER A 278 -3.58 -28.27 13.72
C SER A 278 -4.32 -28.72 14.96
N GLU A 279 -4.69 -30.00 15.01
CA GLU A 279 -5.53 -30.49 16.10
C GLU A 279 -4.79 -30.42 17.45
N TYR A 280 -3.49 -30.65 17.41
CA TYR A 280 -2.78 -30.89 18.66
C TYR A 280 -1.96 -29.73 19.20
N PHE A 281 -2.07 -28.54 18.61
CA PHE A 281 -1.33 -27.38 19.09
C PHE A 281 -2.23 -26.44 19.88
N GLN A 282 -3.46 -26.27 19.41
CA GLN A 282 -4.35 -25.22 19.91
C GLN A 282 -4.72 -25.38 21.38
N TYR A 283 -4.99 -24.24 22.00
CA TYR A 283 -5.41 -24.21 23.39
C TYR A 283 -6.42 -23.08 23.57
N PRO A 284 -7.37 -23.24 24.50
CA PRO A 284 -8.51 -22.31 24.54
C PRO A 284 -8.14 -20.83 24.57
N ALA A 285 -7.06 -20.47 25.24
CA ALA A 285 -6.73 -19.05 25.41
C ALA A 285 -6.15 -18.48 24.12
N ASN A 286 -5.59 -19.35 23.30
CA ASN A 286 -5.19 -18.96 21.97
C ASN A 286 -6.43 -18.76 21.11
N ILE A 287 -7.23 -19.83 20.96
CA ILE A 287 -8.49 -19.84 20.21
C ILE A 287 -9.43 -18.64 20.49
N ILE A 288 -9.55 -18.25 21.75
CA ILE A 288 -10.47 -17.17 22.09
C ILE A 288 -10.03 -15.85 21.42
N LYS A 289 -8.72 -15.67 21.21
CA LYS A 289 -8.27 -14.51 20.45
C LYS A 289 -8.74 -14.61 18.99
N MET A 290 -8.62 -15.81 18.40
CA MET A 290 -9.14 -16.04 17.05
C MET A 290 -10.62 -15.73 16.95
N LYS A 291 -11.41 -16.16 17.93
CA LYS A 291 -12.82 -15.84 17.92
C LYS A 291 -13.07 -14.32 18.01
N LYS A 292 -12.13 -13.58 18.60
CA LYS A 292 -12.29 -12.14 18.76
C LYS A 292 -12.26 -11.45 17.41
N CYS A 293 -11.81 -12.18 16.38
CA CYS A 293 -11.67 -11.64 15.03
C CYS A 293 -12.96 -11.78 14.26
N TYR A 294 -13.88 -12.58 14.78
CA TYR A 294 -15.13 -12.82 14.07
C TYR A 294 -16.10 -11.65 14.23
N SER A 295 -16.76 -11.30 13.13
CA SER A 295 -17.75 -10.23 13.11
C SER A 295 -18.64 -10.42 11.90
N PRO A 296 -19.97 -10.33 12.11
CA PRO A 296 -20.93 -10.60 11.03
C PRO A 296 -20.62 -9.80 9.77
N ASP A 297 -20.00 -8.63 9.90
CA ASP A 297 -19.60 -7.87 8.71
C ASP A 297 -18.26 -8.34 8.13
N LYS A 298 -17.73 -9.47 8.60
CA LYS A 298 -16.43 -9.92 8.13
C LYS A 298 -16.41 -11.41 7.80
N GLU A 299 -15.51 -11.79 6.91
CA GLU A 299 -15.31 -13.17 6.54
C GLU A 299 -14.15 -13.82 7.32
N ARG A 300 -14.51 -14.65 8.30
CA ARG A 300 -13.51 -15.49 8.97
C ARG A 300 -13.90 -16.95 8.82
N LYS A 301 -12.98 -17.75 8.30
CA LYS A 301 -13.13 -19.21 8.26
C LYS A 301 -12.10 -19.89 9.17
N MET A 302 -12.38 -21.14 9.52
CA MET A 302 -11.50 -21.92 10.40
C MET A 302 -11.74 -23.42 10.26
N ILE A 303 -10.71 -24.14 9.84
CA ILE A 303 -10.73 -25.60 9.82
C ILE A 303 -9.63 -26.13 10.73
N THR A 304 -9.81 -27.34 11.26
CA THR A 304 -8.74 -27.98 12.00
C THR A 304 -8.30 -29.27 11.31
N ILE A 305 -7.01 -29.48 11.16
CA ILE A 305 -6.55 -30.70 10.50
C ILE A 305 -6.40 -31.80 11.52
N ARG A 306 -7.11 -32.90 11.29
CA ARG A 306 -7.19 -34.00 12.25
C ARG A 306 -5.91 -34.82 12.32
N GLY A 307 -5.38 -34.97 13.53
CA GLY A 307 -4.21 -35.80 13.75
C GLY A 307 -2.94 -35.01 13.51
N SER A 308 -3.06 -33.71 13.30
CA SER A 308 -1.92 -32.90 12.92
C SER A 308 -1.33 -32.14 14.11
N VAL A 309 -0.01 -32.01 14.08
CA VAL A 309 0.71 -31.32 15.13
C VAL A 309 1.22 -30.01 14.54
N HIS A 310 1.67 -29.11 15.41
CA HIS A 310 2.14 -27.78 15.03
C HIS A 310 3.08 -27.80 13.81
N GLN A 311 3.94 -28.81 13.77
CA GLN A 311 5.05 -28.92 12.82
C GLN A 311 4.64 -29.42 11.44
N ASN A 312 3.42 -29.92 11.36
CA ASN A 312 2.88 -30.36 10.09
C ASN A 312 2.93 -29.25 9.01
N PHE A 313 3.00 -27.99 9.44
CA PHE A 313 3.05 -26.87 8.50
C PHE A 313 4.45 -26.55 7.96
N ALA A 314 5.50 -26.98 8.66
CA ALA A 314 6.86 -26.69 8.20
C ALA A 314 7.52 -27.91 7.57
N ASP A 315 8.71 -27.68 6.98
CA ASP A 315 9.37 -28.67 6.14
C ASP A 315 10.02 -29.85 6.89
N PHE A 316 10.32 -29.68 8.17
CA PHE A 316 10.91 -30.79 8.94
C PHE A 316 9.93 -31.95 9.12
N THR A 317 8.65 -31.73 8.84
CA THR A 317 7.68 -32.82 8.90
C THR A 317 7.93 -33.84 7.76
N PHE A 318 8.58 -33.43 6.67
CA PHE A 318 8.98 -34.36 5.62
C PHE A 318 10.47 -34.66 5.63
N ALA A 319 11.15 -34.55 6.76
CA ALA A 319 12.60 -34.71 6.77
C ALA A 319 13.10 -35.93 7.55
N THR A 320 12.23 -36.54 8.36
CA THR A 320 12.59 -37.73 9.12
C THR A 320 11.71 -38.90 8.73
N GLY A 321 11.89 -40.03 9.39
CA GLY A 321 11.05 -41.19 9.17
C GLY A 321 9.86 -41.17 10.11
N LYS A 322 8.85 -41.98 9.79
CA LYS A 322 7.62 -42.03 10.55
C LYS A 322 7.87 -42.16 12.05
N ILE A 323 8.78 -43.05 12.45
CA ILE A 323 9.01 -43.25 13.88
C ILE A 323 9.62 -42.01 14.49
N ILE A 324 10.88 -41.72 14.17
CA ILE A 324 11.58 -40.56 14.73
C ILE A 324 10.79 -39.27 14.52
N GLY A 325 10.03 -39.20 13.43
CA GLY A 325 9.13 -38.09 13.18
C GLY A 325 8.23 -37.85 14.36
N HIS A 326 7.54 -38.90 14.79
CA HIS A 326 6.62 -38.82 15.93
C HIS A 326 7.38 -38.57 17.23
N MET A 327 8.57 -39.13 17.35
CA MET A 327 9.36 -38.90 18.56
C MET A 327 9.70 -37.43 18.70
N LEU A 328 10.16 -36.80 17.62
CA LEU A 328 10.59 -35.40 17.68
C LEU A 328 9.45 -34.39 17.57
N LYS A 329 8.21 -34.87 17.57
CA LYS A 329 7.02 -34.02 17.51
C LYS A 329 6.98 -33.28 16.18
N LEU A 330 7.53 -33.92 15.16
CA LEU A 330 7.65 -33.33 13.85
C LEU A 330 6.52 -33.80 12.95
N LYS A 331 6.06 -35.01 13.23
CA LYS A 331 4.97 -35.67 12.52
C LYS A 331 3.81 -36.01 13.47
N GLY A 332 2.62 -36.19 12.91
CA GLY A 332 1.49 -36.58 13.73
C GLY A 332 0.87 -37.90 13.29
N ASP A 333 -0.40 -38.14 13.65
CA ASP A 333 -1.09 -39.35 13.25
C ASP A 333 -1.46 -39.31 11.78
N ILE A 334 -1.90 -38.14 11.33
CA ILE A 334 -2.14 -37.94 9.92
C ILE A 334 -0.80 -38.02 9.20
N ASP A 335 -0.85 -38.43 7.94
CA ASP A 335 0.30 -38.43 7.06
C ASP A 335 0.74 -36.99 6.72
N SER A 336 2.06 -36.75 6.73
CA SER A 336 2.55 -35.40 6.49
C SER A 336 2.16 -34.90 5.11
N ASN A 337 2.03 -35.83 4.15
CA ASN A 337 1.68 -35.42 2.81
C ASN A 337 0.20 -35.21 2.68
N VAL A 338 -0.58 -35.94 3.48
CA VAL A 338 -2.02 -35.78 3.40
C VAL A 338 -2.38 -34.42 4.00
N ALA A 339 -1.76 -34.08 5.13
CA ALA A 339 -1.96 -32.79 5.80
C ALA A 339 -1.68 -31.59 4.90
N ILE A 340 -0.41 -31.46 4.50
CA ILE A 340 0.05 -30.27 3.78
C ILE A 340 -0.75 -30.11 2.49
N ASP A 341 -1.28 -31.23 1.98
CA ASP A 341 -2.13 -31.17 0.79
C ASP A 341 -3.45 -30.48 1.10
N LEU A 342 -4.03 -30.84 2.25
CA LEU A 342 -5.29 -30.28 2.69
C LEU A 342 -5.14 -28.77 2.92
N SER A 343 -4.07 -28.39 3.63
CA SER A 343 -3.81 -26.99 3.93
C SER A 343 -3.56 -26.20 2.66
N ASN A 344 -2.74 -26.74 1.78
CA ASN A 344 -2.42 -26.10 0.51
C ASN A 344 -3.66 -25.92 -0.37
N LYS A 345 -4.47 -26.99 -0.46
CA LYS A 345 -5.69 -26.97 -1.28
C LYS A 345 -6.80 -26.09 -0.67
N ALA A 346 -7.01 -26.22 0.64
CA ALA A 346 -7.90 -25.31 1.35
C ALA A 346 -7.49 -23.86 1.15
N SER A 347 -6.18 -23.62 1.13
CA SER A 347 -5.67 -22.28 0.87
C SER A 347 -6.00 -21.79 -0.54
N LEU A 348 -5.69 -22.62 -1.55
CA LEU A 348 -5.97 -22.27 -2.94
C LEU A 348 -7.47 -21.97 -3.18
N ALA A 349 -8.34 -22.72 -2.52
CA ALA A 349 -9.75 -22.44 -2.61
C ALA A 349 -10.04 -21.06 -2.03
N PHE A 350 -9.41 -20.76 -0.89
CA PHE A 350 -9.65 -19.51 -0.20
C PHE A 350 -9.04 -18.30 -0.94
N LEU A 351 -7.79 -18.43 -1.38
CA LEU A 351 -7.15 -17.43 -2.21
C LEU A 351 -7.93 -17.16 -3.51
N GLN A 352 -8.54 -18.18 -4.09
CA GLN A 352 -9.34 -17.95 -5.30
C GLN A 352 -10.59 -17.12 -5.03
N LYS A 353 -11.26 -17.37 -3.91
CA LYS A 353 -12.48 -16.68 -3.58
C LYS A 353 -12.22 -15.20 -3.32
N HIS A 354 -11.19 -14.90 -2.54
CA HIS A 354 -11.03 -13.51 -2.10
C HIS A 354 -10.03 -12.67 -2.88
N LEU A 355 -9.33 -13.28 -3.82
CA LEU A 355 -8.53 -12.52 -4.76
C LEU A 355 -9.21 -12.56 -6.12
N GLY A 356 -10.31 -13.31 -6.18
CA GLY A 356 -11.02 -13.46 -7.43
C GLY A 356 -10.14 -14.00 -8.53
N LEU A 357 -9.42 -15.08 -8.25
CA LEU A 357 -8.65 -15.76 -9.29
C LEU A 357 -9.60 -16.51 -10.23
N HIS A 358 -9.19 -16.64 -11.47
CA HIS A 358 -9.98 -17.36 -12.47
C HIS A 358 -9.35 -18.70 -12.75
N LYS A 359 -9.37 -19.57 -11.76
CA LYS A 359 -8.84 -20.90 -11.94
C LYS A 359 -9.83 -21.93 -11.41
N ASP A 360 -9.37 -23.14 -11.14
CA ASP A 360 -10.27 -24.21 -10.75
C ASP A 360 -10.16 -24.50 -9.25
N PHE A 361 -9.72 -23.52 -8.47
CA PHE A 361 -9.42 -23.77 -7.06
C PHE A 361 -10.67 -23.89 -6.23
N ASP A 362 -11.79 -23.41 -6.77
CA ASP A 362 -13.06 -23.52 -6.06
C ASP A 362 -13.43 -25.00 -5.93
N GLN A 363 -12.69 -25.86 -6.61
CA GLN A 363 -12.98 -27.28 -6.62
C GLN A 363 -12.66 -27.85 -5.21
N TRP A 364 -12.03 -27.02 -4.38
CA TRP A 364 -11.75 -27.38 -2.98
C TRP A 364 -12.47 -26.48 -1.96
N ASP A 365 -13.45 -25.70 -2.42
CA ASP A 365 -14.29 -24.86 -1.58
C ASP A 365 -14.82 -25.56 -0.34
N CYS A 366 -15.06 -26.86 -0.48
CA CYS A 366 -15.50 -27.67 0.64
C CYS A 366 -14.41 -27.76 1.71
N LEU A 367 -13.16 -27.66 1.31
CA LEU A 367 -12.09 -27.77 2.31
C LEU A 367 -12.07 -26.52 3.21
N ILE A 368 -12.58 -25.41 2.68
CA ILE A 368 -12.75 -24.22 3.50
C ILE A 368 -13.79 -24.50 4.60
N GLU A 369 -14.69 -25.45 4.34
CA GLU A 369 -15.81 -25.71 5.24
C GLU A 369 -15.57 -26.86 6.21
N GLY A 370 -14.45 -27.55 6.04
CA GLY A 370 -14.16 -28.69 6.90
C GLY A 370 -14.81 -29.96 6.39
N ASP A 371 -15.29 -29.94 5.15
CA ASP A 371 -15.93 -31.12 4.59
C ASP A 371 -14.92 -32.16 4.16
N ASP A 372 -14.26 -32.80 5.10
CA ASP A 372 -13.33 -33.88 4.78
C ASP A 372 -13.12 -34.85 5.95
N GLU A 373 -12.71 -36.06 5.61
CA GLU A 373 -12.49 -37.10 6.61
C GLU A 373 -11.48 -36.62 7.63
N ASN A 374 -10.51 -35.83 7.15
CA ASN A 374 -9.39 -35.38 7.96
C ASN A 374 -9.49 -33.94 8.43
N LEU A 375 -10.60 -33.29 8.09
CA LEU A 375 -10.83 -31.90 8.50
C LEU A 375 -11.98 -31.83 9.48
N ILE A 376 -11.81 -30.97 10.47
CA ILE A 376 -12.85 -30.63 11.42
C ILE A 376 -13.24 -29.17 11.18
N PRO A 377 -14.52 -28.91 10.83
CA PRO A 377 -14.98 -27.52 10.76
C PRO A 377 -14.76 -26.81 12.09
N GLY A 378 -14.46 -25.51 12.09
CA GLY A 378 -14.20 -24.79 13.33
C GLY A 378 -13.00 -25.37 14.07
N THR A 379 -13.18 -25.60 15.37
CA THR A 379 -12.09 -26.14 16.17
C THR A 379 -12.60 -27.17 17.17
N ASN A 380 -11.74 -28.14 17.50
CA ASN A 380 -12.08 -29.11 18.51
C ASN A 380 -12.22 -28.43 19.87
N ILE A 381 -11.53 -27.31 20.08
CA ILE A 381 -11.66 -26.56 21.33
C ILE A 381 -13.08 -26.00 21.46
N ASN A 382 -13.92 -26.68 22.25
CA ASN A 382 -15.36 -26.41 22.33
C ASN A 382 -15.70 -24.95 22.64
N THR A 383 -14.75 -24.25 23.28
CA THR A 383 -14.74 -22.79 23.34
C THR A 383 -13.44 -22.32 23.97
N LYS B 14 -17.92 33.93 -1.93
CA LYS B 14 -17.76 33.89 -3.37
C LYS B 14 -17.45 32.46 -3.83
N ILE B 15 -16.53 31.82 -3.11
CA ILE B 15 -16.25 30.39 -3.32
C ILE B 15 -17.41 29.53 -2.78
N PRO B 16 -18.01 28.70 -3.66
CA PRO B 16 -19.28 28.03 -3.37
C PRO B 16 -19.25 27.10 -2.16
N ARG B 17 -20.24 27.22 -1.29
CA ARG B 17 -20.35 26.37 -0.12
C ARG B 17 -20.49 24.91 -0.57
N GLY B 18 -20.30 23.96 0.35
CA GLY B 18 -20.43 22.56 -0.02
C GLY B 18 -21.88 22.20 -0.32
N ASN B 19 -22.11 21.30 -1.26
CA ASN B 19 -23.47 20.97 -1.65
C ASN B 19 -24.12 19.84 -0.84
N GLY B 20 -23.29 19.01 -0.22
CA GLY B 20 -23.81 17.92 0.59
C GLY B 20 -24.35 18.40 1.91
N PRO B 21 -24.75 17.45 2.78
CA PRO B 21 -25.42 17.69 4.06
C PRO B 21 -24.50 17.63 5.29
N TYR B 22 -23.21 17.37 5.10
CA TYR B 22 -22.26 17.51 6.20
C TYR B 22 -21.74 18.96 6.31
N SER B 23 -21.57 19.44 7.54
CA SER B 23 -20.91 20.72 7.76
C SER B 23 -19.39 20.47 7.72
N VAL B 24 -18.65 21.38 7.10
CA VAL B 24 -17.22 21.19 6.87
C VAL B 24 -16.32 22.03 7.78
N GLY B 25 -15.32 21.37 8.37
CA GLY B 25 -14.30 22.09 9.12
C GLY B 25 -13.01 22.11 8.32
N CYS B 26 -12.05 22.93 8.71
CA CYS B 26 -10.78 23.03 7.99
C CYS B 26 -9.60 23.38 8.89
N THR B 27 -8.51 22.62 8.76
CA THR B 27 -7.31 22.92 9.52
C THR B 27 -6.06 22.67 8.66
N ASP B 28 -4.89 23.06 9.15
CA ASP B 28 -3.64 22.73 8.50
C ASP B 28 -2.81 21.80 9.39
N LEU B 29 -1.96 21.01 8.75
CA LEU B 29 -1.15 20.04 9.45
C LEU B 29 0.26 19.95 8.83
N MET B 30 1.28 20.37 9.56
CA MET B 30 2.65 20.17 9.12
C MET B 30 3.39 19.22 10.04
N PHE B 31 3.83 18.09 9.49
CA PHE B 31 4.65 17.16 10.22
C PHE B 31 5.52 16.36 9.26
N ASP B 32 6.83 16.36 9.48
CA ASP B 32 7.41 17.23 10.50
C ASP B 32 7.66 18.68 9.97
N HIS B 33 8.46 19.43 10.71
CA HIS B 33 8.65 20.86 10.45
C HIS B 33 9.57 21.14 9.25
N THR B 34 10.29 20.11 8.80
CA THR B 34 11.22 20.26 7.68
C THR B 34 10.51 20.25 6.34
N ASN B 35 11.23 20.62 5.28
CA ASN B 35 10.64 20.63 3.95
C ASN B 35 10.64 19.24 3.37
N LYS B 36 11.00 18.26 4.21
CA LYS B 36 10.98 16.86 3.84
C LYS B 36 9.80 16.21 4.51
N GLY B 37 9.15 16.98 5.39
CA GLY B 37 7.96 16.53 6.08
C GLY B 37 6.74 16.53 5.18
N THR B 38 5.56 16.46 5.79
CA THR B 38 4.32 16.56 5.07
C THR B 38 3.61 17.85 5.39
N PHE B 39 3.15 18.56 4.37
CA PHE B 39 2.38 19.79 4.56
C PHE B 39 1.06 19.70 3.82
N LEU B 40 -0.04 19.59 4.56
CA LEU B 40 -1.34 19.50 3.91
C LEU B 40 -2.38 20.38 4.59
N ARG B 41 -3.36 20.84 3.82
CA ARG B 41 -4.59 21.38 4.38
C ARG B 41 -5.66 20.28 4.39
N LEU B 42 -6.42 20.23 5.48
CA LEU B 42 -7.44 19.20 5.69
C LEU B 42 -8.86 19.78 5.62
N TYR B 43 -9.71 19.18 4.79
CA TYR B 43 -11.16 19.47 4.84
C TYR B 43 -11.90 18.27 5.34
N TYR B 44 -12.76 18.46 6.32
CA TYR B 44 -13.39 17.34 7.01
C TYR B 44 -14.80 17.69 7.48
N PRO B 45 -15.68 16.68 7.54
CA PRO B 45 -17.01 16.88 8.12
C PRO B 45 -16.92 17.36 9.57
N SER B 46 -17.46 18.54 9.84
CA SER B 46 -17.37 19.21 11.14
C SER B 46 -18.65 19.07 11.97
N GLN B 47 -18.51 19.24 13.28
CA GLN B 47 -19.67 19.20 14.18
C GLN B 47 -20.28 20.59 14.39
N ASP B 53 -15.25 30.79 7.72
CA ASP B 53 -14.38 31.01 8.86
C ASP B 53 -12.92 31.08 8.42
N THR B 54 -12.59 30.29 7.40
CA THR B 54 -11.22 30.00 6.99
C THR B 54 -10.67 30.96 5.93
N LEU B 55 -9.49 31.49 6.20
CA LEU B 55 -8.81 32.39 5.29
C LEU B 55 -8.29 31.66 4.04
N TRP B 56 -8.65 32.16 2.86
CA TRP B 56 -8.33 31.49 1.60
C TRP B 56 -6.81 31.35 1.36
N ILE B 57 -6.12 32.48 1.32
CA ILE B 57 -4.67 32.53 1.13
C ILE B 57 -4.04 33.19 2.34
N PRO B 58 -3.42 32.41 3.21
CA PRO B 58 -3.06 32.90 4.55
C PRO B 58 -1.77 33.72 4.68
N ASN B 59 -1.02 33.96 3.61
CA ASN B 59 0.30 34.57 3.76
C ASN B 59 0.69 35.36 2.55
N LYS B 60 1.39 36.48 2.77
CA LYS B 60 1.81 37.37 1.70
C LYS B 60 2.75 36.70 0.70
N GLU B 61 3.58 35.78 1.19
CA GLU B 61 4.59 35.16 0.33
C GLU B 61 3.92 34.34 -0.76
N TYR B 62 2.68 33.87 -0.53
CA TYR B 62 1.91 33.18 -1.58
C TYR B 62 1.57 34.15 -2.69
N PHE B 63 1.12 35.34 -2.33
CA PHE B 63 0.84 36.37 -3.31
C PHE B 63 2.10 36.82 -4.08
N TRP B 64 3.17 37.16 -3.35
CA TRP B 64 4.45 37.46 -3.99
C TRP B 64 4.80 36.32 -4.95
N GLY B 65 4.60 35.10 -4.47
CA GLY B 65 4.95 33.90 -5.22
C GLY B 65 4.15 33.75 -6.48
N LEU B 66 2.84 33.98 -6.35
CA LEU B 66 1.95 33.95 -7.50
C LEU B 66 2.36 34.94 -8.57
N SER B 67 2.71 36.15 -8.14
CA SER B 67 3.13 37.21 -9.04
C SER B 67 4.36 36.80 -9.85
N LYS B 68 5.35 36.24 -9.16
CA LYS B 68 6.53 35.71 -9.84
C LYS B 68 6.11 34.66 -10.85
N PHE B 69 5.28 33.71 -10.41
CA PHE B 69 4.75 32.66 -11.28
C PHE B 69 4.13 33.27 -12.53
N LEU B 70 3.19 34.20 -12.33
CA LEU B 70 2.45 34.84 -13.43
C LEU B 70 3.30 35.74 -14.32
N GLY B 71 4.55 36.01 -13.93
CA GLY B 71 5.45 36.78 -14.78
C GLY B 71 5.40 38.29 -14.63
N THR B 72 4.82 38.77 -13.54
CA THR B 72 4.86 40.18 -13.16
C THR B 72 5.91 40.34 -12.03
N HIS B 73 6.27 41.57 -11.68
CA HIS B 73 7.29 41.76 -10.63
C HIS B 73 6.66 41.90 -9.25
N TRP B 74 7.51 42.03 -8.23
CA TRP B 74 7.06 41.99 -6.83
C TRP B 74 6.20 43.20 -6.43
N LEU B 75 5.96 44.11 -7.37
CA LEU B 75 4.96 45.13 -7.15
C LEU B 75 3.61 44.44 -7.11
N MET B 76 3.33 43.68 -8.17
CA MET B 76 2.02 43.05 -8.34
C MET B 76 1.68 42.13 -7.18
N GLY B 77 2.71 41.63 -6.51
CA GLY B 77 2.52 40.79 -5.35
C GLY B 77 1.65 41.47 -4.31
N ASN B 78 1.92 42.74 -4.06
CA ASN B 78 1.19 43.47 -3.02
C ASN B 78 -0.18 43.91 -3.47
N ILE B 79 -0.40 43.93 -4.77
CA ILE B 79 -1.71 44.23 -5.34
C ILE B 79 -2.64 43.05 -5.10
N LEU B 80 -2.17 41.90 -5.53
CA LEU B 80 -2.81 40.61 -5.24
C LEU B 80 -3.10 40.47 -3.75
N ARG B 81 -2.10 40.78 -2.94
CA ARG B 81 -2.27 40.80 -1.49
C ARG B 81 -3.49 41.64 -1.13
N LEU B 82 -3.52 42.87 -1.62
CA LEU B 82 -4.56 43.85 -1.29
C LEU B 82 -5.96 43.40 -1.67
N LEU B 83 -6.12 43.02 -2.93
CA LEU B 83 -7.41 42.56 -3.48
C LEU B 83 -7.93 41.25 -2.88
N PHE B 84 -7.04 40.32 -2.53
CA PHE B 84 -7.49 38.96 -2.18
C PHE B 84 -7.14 38.47 -0.77
N GLY B 85 -6.33 39.24 -0.04
CA GLY B 85 -5.79 38.80 1.24
C GLY B 85 -6.75 38.61 2.41
N SER B 86 -7.91 39.24 2.34
CA SER B 86 -8.89 39.15 3.42
C SER B 86 -9.95 38.08 3.10
N MET B 87 -9.92 37.58 1.86
CA MET B 87 -10.94 36.68 1.34
C MET B 87 -11.01 35.31 2.04
N THR B 88 -12.19 34.88 2.46
CA THR B 88 -12.30 33.59 3.16
C THR B 88 -12.85 32.47 2.29
N THR B 89 -12.92 31.27 2.85
CA THR B 89 -13.46 30.13 2.12
C THR B 89 -14.34 29.30 3.06
N PRO B 90 -15.57 29.00 2.60
CA PRO B 90 -16.62 28.55 3.52
C PRO B 90 -16.33 27.19 4.17
N ALA B 91 -15.43 27.18 5.16
CA ALA B 91 -15.20 26.00 6.00
C ALA B 91 -14.90 26.47 7.42
N ASN B 92 -15.39 25.75 8.42
CA ASN B 92 -15.19 26.21 9.80
C ASN B 92 -13.75 25.94 10.29
N TRP B 93 -13.02 27.01 10.58
CA TRP B 93 -11.60 26.90 10.91
C TRP B 93 -11.42 26.32 12.29
N ASN B 94 -10.91 25.08 12.31
CA ASN B 94 -10.57 24.30 13.51
C ASN B 94 -11.77 23.65 14.20
N SER B 95 -12.93 23.68 13.54
CA SER B 95 -14.12 23.03 14.06
C SER B 95 -13.81 21.56 14.33
N PRO B 96 -14.31 21.03 15.44
CA PRO B 96 -14.09 19.62 15.82
C PRO B 96 -14.48 18.63 14.73
N LEU B 97 -13.80 17.49 14.67
CA LEU B 97 -14.19 16.45 13.72
C LEU B 97 -15.48 15.75 14.16
N ARG B 98 -16.44 15.65 13.25
CA ARG B 98 -17.67 14.88 13.49
C ARG B 98 -17.38 13.41 13.85
N PRO B 99 -17.83 12.96 15.04
CA PRO B 99 -17.52 11.59 15.46
C PRO B 99 -18.59 10.55 15.08
N GLY B 100 -18.35 9.30 15.46
CA GLY B 100 -19.31 8.24 15.21
C GLY B 100 -19.08 7.34 14.00
N GLU B 101 -18.41 7.85 12.98
CA GLU B 101 -18.25 7.12 11.73
C GLU B 101 -16.86 7.27 11.11
N LYS B 102 -16.52 6.32 10.25
CA LYS B 102 -15.27 6.34 9.51
C LYS B 102 -15.47 6.92 8.10
N TYR B 103 -14.50 7.71 7.62
CA TYR B 103 -14.62 8.43 6.35
C TYR B 103 -13.63 7.96 5.29
N PRO B 104 -14.09 7.86 4.03
CA PRO B 104 -13.18 7.65 2.91
C PRO B 104 -12.19 8.81 2.76
N LEU B 105 -11.00 8.56 2.24
CA LEU B 105 -9.94 9.58 2.18
C LEU B 105 -9.50 9.92 0.75
N VAL B 106 -9.40 11.21 0.47
CA VAL B 106 -8.82 11.71 -0.78
C VAL B 106 -7.57 12.56 -0.55
N VAL B 107 -6.46 12.19 -1.17
CA VAL B 107 -5.31 13.08 -1.19
C VAL B 107 -5.39 13.93 -2.45
N PHE B 108 -5.28 15.25 -2.31
CA PHE B 108 -5.43 16.14 -3.45
C PHE B 108 -4.12 16.81 -3.82
N SER B 109 -3.70 16.69 -5.08
CA SER B 109 -2.48 17.35 -5.51
C SER B 109 -2.76 18.60 -6.35
N HIS B 110 -2.07 19.70 -6.02
CA HIS B 110 -2.27 20.98 -6.69
C HIS B 110 -1.44 21.12 -7.98
N GLY B 111 -1.88 21.96 -8.90
CA GLY B 111 -1.13 22.21 -10.12
C GLY B 111 0.13 23.08 -9.95
N LEU B 112 0.81 23.34 -11.08
CA LEU B 112 2.01 24.19 -11.06
C LEU B 112 1.64 25.62 -10.73
N GLY B 113 2.45 26.29 -9.92
CA GLY B 113 2.18 27.65 -9.51
C GLY B 113 1.10 27.78 -8.45
N ALA B 114 0.35 26.72 -8.19
CA ALA B 114 -0.61 26.72 -7.08
C ALA B 114 0.05 26.34 -5.77
N PHE B 115 -0.79 26.06 -4.79
CA PHE B 115 -0.38 25.58 -3.47
C PHE B 115 -1.63 24.95 -2.84
N ARG B 116 -1.54 24.55 -1.59
CA ARG B 116 -2.54 23.63 -1.05
C ARG B 116 -3.95 24.23 -0.95
N THR B 117 -4.04 25.54 -0.76
CA THR B 117 -5.31 26.18 -0.38
C THR B 117 -6.30 26.51 -1.52
N LEU B 118 -5.86 26.36 -2.77
CA LEU B 118 -6.54 26.94 -3.94
C LEU B 118 -7.53 26.03 -4.63
N TYR B 119 -7.84 24.90 -4.01
CA TYR B 119 -8.77 23.97 -4.61
C TYR B 119 -9.83 23.58 -3.56
N SER B 120 -10.30 24.59 -2.83
CA SER B 120 -11.24 24.41 -1.74
C SER B 120 -12.67 24.17 -2.24
N ALA B 121 -13.00 24.73 -3.40
CA ALA B 121 -14.29 24.47 -4.01
C ALA B 121 -14.50 22.95 -4.10
N ILE B 122 -13.47 22.26 -4.56
CA ILE B 122 -13.51 20.83 -4.67
C ILE B 122 -13.42 20.18 -3.30
N GLY B 123 -12.35 20.50 -2.56
CA GLY B 123 -12.14 19.90 -1.24
C GLY B 123 -13.34 19.97 -0.32
N ILE B 124 -13.92 21.15 -0.24
CA ILE B 124 -15.05 21.42 0.64
C ILE B 124 -16.30 20.70 0.15
N ASP B 125 -16.46 20.52 -1.16
CA ASP B 125 -17.64 19.81 -1.61
C ASP B 125 -17.54 18.32 -1.32
N LEU B 126 -16.40 17.72 -1.68
CA LEU B 126 -16.07 16.37 -1.28
C LEU B 126 -16.20 16.21 0.22
N ALA B 127 -15.79 17.24 0.96
CA ALA B 127 -15.88 17.17 2.42
C ALA B 127 -17.33 17.10 2.86
N SER B 128 -18.13 18.06 2.41
CA SER B 128 -19.54 18.13 2.77
C SER B 128 -20.34 16.91 2.29
N HIS B 129 -19.69 16.00 1.60
CA HIS B 129 -20.30 14.72 1.27
C HIS B 129 -19.70 13.55 2.07
N GLY B 130 -19.03 13.86 3.17
CA GLY B 130 -18.46 12.82 4.02
C GLY B 130 -17.09 12.27 3.67
N PHE B 131 -16.31 13.05 2.92
CA PHE B 131 -14.90 12.73 2.66
C PHE B 131 -14.00 13.48 3.61
N ILE B 132 -12.83 12.92 3.91
CA ILE B 132 -11.74 13.72 4.43
C ILE B 132 -10.78 14.01 3.28
N VAL B 133 -10.52 15.27 2.99
CA VAL B 133 -9.60 15.60 1.92
C VAL B 133 -8.26 16.10 2.45
N ALA B 134 -7.19 15.41 2.09
CA ALA B 134 -5.83 15.84 2.44
C ALA B 134 -5.18 16.57 1.26
N ALA B 135 -5.33 17.89 1.20
CA ALA B 135 -4.74 18.66 0.09
C ALA B 135 -3.27 19.00 0.38
N VAL B 136 -2.35 18.32 -0.26
CA VAL B 136 -0.95 18.51 0.11
C VAL B 136 -0.45 19.80 -0.49
N GLU B 137 0.59 20.35 0.11
CA GLU B 137 1.39 21.41 -0.49
C GLU B 137 2.71 20.76 -0.89
N HIS B 138 3.06 20.82 -2.17
CA HIS B 138 4.29 20.19 -2.60
C HIS B 138 5.52 21.04 -2.33
N ARG B 139 6.66 20.36 -2.22
CA ARG B 139 7.95 21.02 -2.10
C ARG B 139 8.93 20.64 -3.19
N ASP B 140 8.40 20.13 -4.29
CA ASP B 140 9.19 19.84 -5.49
C ASP B 140 9.51 21.10 -6.24
N ARG B 141 9.35 22.25 -5.59
CA ARG B 141 9.53 23.57 -6.17
C ARG B 141 8.62 23.86 -7.37
N SER B 142 7.49 23.16 -7.47
CA SER B 142 6.48 23.45 -8.49
C SER B 142 5.35 24.37 -8.00
N ALA B 143 5.32 24.61 -6.69
CA ALA B 143 4.35 25.52 -6.11
C ALA B 143 4.88 26.94 -6.15
N SER B 144 3.99 27.90 -6.43
CA SER B 144 4.33 29.32 -6.39
C SER B 144 5.24 29.63 -5.23
N ALA B 145 4.85 29.14 -4.07
CA ALA B 145 5.63 29.25 -2.86
C ALA B 145 5.12 28.23 -1.87
N THR B 146 5.98 27.89 -0.93
CA THR B 146 5.63 27.06 0.19
C THR B 146 6.64 27.38 1.29
N TYR B 147 6.42 26.89 2.50
CA TYR B 147 7.40 27.16 3.54
C TYR B 147 7.67 25.95 4.41
N TYR B 148 8.71 26.07 5.24
CA TYR B 148 9.07 25.07 6.22
C TYR B 148 9.88 25.74 7.34
N PHE B 149 10.28 24.97 8.34
CA PHE B 149 11.14 25.48 9.38
C PHE B 149 12.47 24.73 9.43
N LYS B 150 13.52 25.44 9.82
CA LYS B 150 14.87 24.90 9.80
C LYS B 150 15.16 24.04 11.02
N ASP B 151 14.39 24.24 12.07
CA ASP B 151 14.64 23.60 13.35
C ASP B 151 13.40 23.79 14.18
N GLN B 152 13.24 22.99 15.23
CA GLN B 152 12.12 23.15 16.14
C GLN B 152 12.05 24.60 16.64
N SER B 153 13.19 25.14 17.05
CA SER B 153 13.28 26.52 17.56
C SER B 153 12.58 27.49 16.61
N ALA B 154 12.86 27.34 15.31
CA ALA B 154 12.21 28.13 14.26
C ALA B 154 10.69 27.92 14.20
N ALA B 155 10.26 26.68 14.30
CA ALA B 155 8.84 26.37 14.30
C ALA B 155 8.11 27.03 15.47
N GLU B 156 8.79 27.14 16.61
CA GLU B 156 8.14 27.63 17.83
C GLU B 156 7.96 29.13 17.82
N ILE B 157 8.88 29.84 17.19
CA ILE B 157 8.82 31.29 17.09
C ILE B 157 8.11 31.70 15.79
N GLY B 158 7.59 30.70 15.07
CA GLY B 158 6.95 30.88 13.78
C GLY B 158 7.82 31.56 12.72
N ASP B 159 9.08 31.17 12.68
CA ASP B 159 10.04 31.76 11.74
C ASP B 159 10.11 30.94 10.46
N LYS B 160 9.25 31.27 9.52
CA LYS B 160 9.09 30.46 8.32
C LYS B 160 10.28 30.58 7.39
N SER B 161 10.42 29.63 6.47
CA SER B 161 11.42 29.69 5.42
C SER B 161 10.73 29.38 4.12
N TRP B 162 10.92 30.22 3.13
CA TRP B 162 10.08 30.12 1.94
C TRP B 162 10.90 29.61 0.79
N LEU B 163 10.37 28.57 0.17
CA LEU B 163 10.84 28.05 -1.11
C LEU B 163 9.87 28.51 -2.20
N TYR B 164 10.37 29.28 -3.16
CA TYR B 164 9.54 29.72 -4.28
C TYR B 164 9.70 28.82 -5.48
N LEU B 165 8.83 29.03 -6.46
CA LEU B 165 8.81 28.21 -7.66
C LEU B 165 10.11 28.41 -8.46
N ARG B 166 10.66 27.31 -8.95
CA ARG B 166 11.84 27.35 -9.79
C ARG B 166 11.44 27.45 -11.26
N THR B 167 12.17 28.22 -12.07
CA THR B 167 11.90 28.25 -13.50
C THR B 167 12.98 27.51 -14.26
N LEU B 168 12.56 26.75 -15.26
CA LEU B 168 13.46 25.85 -15.98
C LEU B 168 13.84 26.35 -17.36
N LYS B 169 15.11 26.17 -17.71
CA LYS B 169 15.55 26.37 -19.08
C LYS B 169 14.89 25.25 -19.88
N GLN B 170 14.57 25.50 -21.14
CA GLN B 170 13.80 24.52 -21.93
C GLN B 170 14.50 23.16 -21.98
N GLU B 171 15.83 23.16 -22.02
CA GLU B 171 16.60 21.94 -22.23
C GLU B 171 16.75 21.08 -20.97
N GLU B 172 16.08 21.48 -19.89
CA GLU B 172 16.13 20.72 -18.65
C GLU B 172 14.71 20.37 -18.22
N GLU B 173 13.73 20.83 -18.99
CA GLU B 173 12.33 20.69 -18.60
C GLU B 173 11.90 19.22 -18.44
N THR B 174 12.15 18.42 -19.47
CA THR B 174 11.75 17.01 -19.49
C THR B 174 12.32 16.18 -18.32
N HIS B 175 13.56 16.45 -17.94
CA HIS B 175 14.17 15.73 -16.83
C HIS B 175 13.54 16.19 -15.52
N ILE B 176 13.80 17.44 -15.16
CA ILE B 176 13.25 18.11 -14.00
C ILE B 176 11.76 17.82 -13.75
N ARG B 177 10.92 17.91 -14.80
CA ARG B 177 9.48 17.70 -14.58
C ARG B 177 9.21 16.30 -14.06
N ASN B 178 9.95 15.34 -14.59
CA ASN B 178 9.76 13.96 -14.20
C ASN B 178 10.24 13.74 -12.80
N GLU B 179 11.37 14.35 -12.47
CA GLU B 179 11.88 14.26 -11.11
C GLU B 179 10.91 14.95 -10.14
N GLN B 180 10.22 15.96 -10.63
CA GLN B 180 9.23 16.66 -9.84
C GLN B 180 7.97 15.83 -9.62
N VAL B 181 7.48 15.13 -10.65
CA VAL B 181 6.26 14.34 -10.47
C VAL B 181 6.58 13.12 -9.62
N ARG B 182 7.82 12.67 -9.65
CA ARG B 182 8.26 11.61 -8.75
C ARG B 182 8.29 12.12 -7.32
N GLN B 183 8.80 13.34 -7.12
CA GLN B 183 8.82 13.88 -5.78
C GLN B 183 7.39 14.14 -5.35
N ARG B 184 6.51 14.47 -6.29
CA ARG B 184 5.12 14.71 -5.93
C ARG B 184 4.38 13.42 -5.52
N ALA B 185 4.54 12.34 -6.31
CA ALA B 185 4.04 11.01 -5.95
C ALA B 185 4.49 10.61 -4.53
N LYS B 186 5.76 10.84 -4.23
CA LYS B 186 6.29 10.57 -2.91
C LYS B 186 5.50 11.32 -1.86
N GLU B 187 5.27 12.59 -2.14
CA GLU B 187 4.58 13.44 -1.19
C GLU B 187 3.11 13.03 -0.96
N CYS B 188 2.45 12.57 -2.01
CA CYS B 188 1.10 12.06 -1.84
C CYS B 188 1.10 10.78 -0.99
N SER B 189 2.05 9.88 -1.25
CA SER B 189 2.17 8.66 -0.45
C SER B 189 2.36 8.91 1.03
N GLN B 190 3.37 9.72 1.33
CA GLN B 190 3.72 10.06 2.69
C GLN B 190 2.53 10.69 3.44
N ALA B 191 1.83 11.60 2.78
CA ALA B 191 0.63 12.19 3.38
C ALA B 191 -0.39 11.09 3.77
N LEU B 192 -0.62 10.17 2.84
CA LEU B 192 -1.42 8.99 3.12
C LEU B 192 -0.88 8.23 4.34
N SER B 193 0.42 7.92 4.31
CA SER B 193 1.03 7.19 5.41
C SER B 193 0.87 7.96 6.72
N LEU B 194 1.00 9.29 6.68
CA LEU B 194 0.87 10.07 7.92
C LEU B 194 -0.56 9.96 8.44
N ILE B 195 -1.53 10.15 7.56
CA ILE B 195 -2.92 10.04 7.95
C ILE B 195 -3.22 8.64 8.50
N LEU B 196 -2.81 7.61 7.77
CA LEU B 196 -3.01 6.25 8.24
C LEU B 196 -2.36 6.06 9.61
N ASP B 197 -1.14 6.57 9.79
CA ASP B 197 -0.42 6.38 11.05
C ASP B 197 -1.16 7.05 12.20
N ILE B 198 -1.68 8.24 11.93
CA ILE B 198 -2.42 9.01 12.91
C ILE B 198 -3.69 8.25 13.25
N ASP B 199 -4.29 7.69 12.22
CA ASP B 199 -5.49 6.88 12.35
C ASP B 199 -5.23 5.74 13.33
N HIS B 200 -4.02 5.17 13.37
CA HIS B 200 -3.87 4.16 14.37
C HIS B 200 -3.10 4.63 15.58
N GLY B 201 -3.32 5.90 15.92
CA GLY B 201 -2.88 6.44 17.18
C GLY B 201 -1.48 6.97 17.27
N LYS B 202 -0.73 7.00 16.17
CA LYS B 202 0.55 7.74 16.15
C LYS B 202 0.36 9.19 16.63
N PRO B 203 1.06 9.56 17.70
CA PRO B 203 0.97 10.97 18.17
C PRO B 203 1.77 11.86 17.23
N VAL B 204 1.21 13.02 16.86
CA VAL B 204 1.98 13.97 16.08
C VAL B 204 2.00 15.36 16.71
N LYS B 205 3.17 15.97 16.70
CA LYS B 205 3.26 17.38 17.02
C LYS B 205 3.18 18.18 15.72
N ASN B 206 2.01 18.78 15.47
CA ASN B 206 1.83 19.76 14.42
C ASN B 206 2.82 20.93 14.56
N ALA B 207 3.68 21.13 13.56
CA ALA B 207 4.64 22.24 13.62
C ALA B 207 3.94 23.59 13.69
N LEU B 208 2.68 23.61 13.28
CA LEU B 208 1.84 24.76 13.56
C LEU B 208 1.12 24.44 14.87
N ASP B 209 0.87 25.43 15.71
CA ASP B 209 0.07 25.14 16.88
C ASP B 209 -1.30 25.71 16.58
N LEU B 210 -2.18 24.84 16.13
CA LEU B 210 -3.55 25.20 15.84
C LEU B 210 -4.47 24.62 16.91
N LYS B 211 -5.55 25.34 17.20
CA LYS B 211 -6.50 24.87 18.18
C LYS B 211 -7.31 23.74 17.55
N PHE B 212 -6.62 22.62 17.28
CA PHE B 212 -7.21 21.43 16.66
C PHE B 212 -6.36 20.22 17.00
N ASP B 213 -6.92 19.29 17.77
CA ASP B 213 -6.17 18.11 18.18
C ASP B 213 -6.21 17.09 17.08
N MET B 214 -5.03 16.62 16.68
CA MET B 214 -4.92 15.67 15.59
C MET B 214 -5.43 14.32 16.01
N GLU B 215 -5.32 14.04 17.32
CA GLU B 215 -5.73 12.75 17.87
C GLU B 215 -7.20 12.45 17.58
N GLN B 216 -7.98 13.50 17.35
CA GLN B 216 -9.34 13.42 16.84
C GLN B 216 -9.51 12.43 15.71
N LEU B 217 -8.50 12.31 14.87
CA LEU B 217 -8.59 11.47 13.68
C LEU B 217 -8.29 10.01 13.98
N LYS B 218 -8.18 9.64 15.26
CA LYS B 218 -7.97 8.25 15.60
C LYS B 218 -9.22 7.46 15.23
N ASP B 219 -9.04 6.40 14.44
CA ASP B 219 -10.14 5.52 14.01
C ASP B 219 -11.25 6.29 13.29
N SER B 220 -10.88 7.17 12.36
CA SER B 220 -11.87 7.92 11.58
C SER B 220 -11.62 7.75 10.08
N ILE B 221 -10.50 7.12 9.74
CA ILE B 221 -10.25 6.78 8.36
C ILE B 221 -10.83 5.39 8.05
N ASP B 222 -11.56 5.33 6.94
CA ASP B 222 -11.88 4.07 6.30
C ASP B 222 -10.71 3.76 5.37
N ARG B 223 -9.83 2.87 5.81
CA ARG B 223 -8.50 2.76 5.24
C ARG B 223 -8.51 2.06 3.90
N GLU B 224 -9.68 1.57 3.52
CA GLU B 224 -9.86 0.78 2.31
C GLU B 224 -10.39 1.65 1.18
N LYS B 225 -10.73 2.89 1.53
CA LYS B 225 -11.30 3.86 0.61
C LYS B 225 -10.36 5.04 0.41
N ILE B 226 -9.33 4.85 -0.40
CA ILE B 226 -8.40 5.92 -0.69
C ILE B 226 -8.45 6.31 -2.15
N ALA B 227 -8.66 7.61 -2.40
CA ALA B 227 -8.52 8.14 -3.76
C ALA B 227 -7.49 9.26 -3.81
N VAL B 228 -6.93 9.47 -4.99
CA VAL B 228 -6.06 10.61 -5.24
C VAL B 228 -6.62 11.41 -6.39
N ILE B 229 -6.84 12.69 -6.13
CA ILE B 229 -7.35 13.62 -7.12
C ILE B 229 -6.35 14.76 -7.24
N GLY B 230 -6.17 15.28 -8.45
CA GLY B 230 -5.27 16.40 -8.67
C GLY B 230 -5.55 17.14 -9.94
N HIS B 231 -5.11 18.39 -9.99
CA HIS B 231 -5.35 19.28 -11.13
C HIS B 231 -4.08 19.51 -11.93
N SER B 232 -4.19 19.39 -13.25
CA SER B 232 -3.09 19.68 -14.16
C SER B 232 -1.82 18.89 -13.84
N PHE B 233 -0.80 19.57 -13.32
CA PHE B 233 0.42 18.89 -12.91
C PHE B 233 0.02 17.89 -11.81
N GLY B 234 -0.95 18.30 -10.98
CA GLY B 234 -1.54 17.40 -10.00
C GLY B 234 -2.23 16.21 -10.66
N GLY B 235 -2.57 16.36 -11.94
CA GLY B 235 -3.20 15.30 -12.71
C GLY B 235 -2.23 14.19 -13.05
N ALA B 236 -1.07 14.57 -13.56
CA ALA B 236 0.05 13.66 -13.74
C ALA B 236 0.47 13.07 -12.40
N THR B 237 0.29 13.84 -11.33
CA THR B 237 0.61 13.32 -10.01
C THR B 237 -0.33 12.16 -9.66
N VAL B 238 -1.63 12.33 -9.95
CA VAL B 238 -2.56 11.24 -9.81
C VAL B 238 -2.03 9.96 -10.50
N ILE B 239 -1.58 10.08 -11.73
CA ILE B 239 -1.13 8.91 -12.46
C ILE B 239 0.12 8.31 -11.82
N GLN B 240 1.12 9.14 -11.57
CA GLN B 240 2.40 8.67 -11.05
C GLN B 240 2.20 8.04 -9.68
N THR B 241 1.31 8.62 -8.89
CA THR B 241 1.06 8.17 -7.52
C THR B 241 0.38 6.81 -7.51
N LEU B 242 -0.61 6.65 -8.38
CA LEU B 242 -1.30 5.39 -8.55
C LEU B 242 -0.36 4.27 -8.95
N SER B 243 0.55 4.56 -9.88
CA SER B 243 1.47 3.54 -10.38
C SER B 243 2.49 3.13 -9.32
N GLU B 244 2.66 3.97 -8.30
CA GLU B 244 3.68 3.76 -7.29
C GLU B 244 3.10 3.21 -5.98
N ASP B 245 1.82 3.47 -5.76
CA ASP B 245 1.21 3.24 -4.47
C ASP B 245 -0.16 2.54 -4.59
N GLN B 246 -0.14 1.21 -4.51
CA GLN B 246 -1.32 0.34 -4.53
C GLN B 246 -2.39 0.68 -3.48
N ARG B 247 -2.01 1.38 -2.41
CA ARG B 247 -2.98 1.71 -1.37
C ARG B 247 -4.13 2.51 -1.94
N PHE B 248 -3.83 3.38 -2.90
CA PHE B 248 -4.86 4.23 -3.51
C PHE B 248 -5.69 3.37 -4.44
N ARG B 249 -7.00 3.47 -4.31
CA ARG B 249 -7.85 2.54 -5.05
C ARG B 249 -8.29 3.09 -6.40
N CYS B 250 -8.47 4.39 -6.51
CA CYS B 250 -8.77 5.01 -7.80
C CYS B 250 -8.21 6.42 -7.87
N GLY B 251 -8.08 6.92 -9.08
CA GLY B 251 -7.60 8.27 -9.29
C GLY B 251 -8.51 9.12 -10.16
N ILE B 252 -8.51 10.41 -9.88
CA ILE B 252 -9.23 11.33 -10.72
C ILE B 252 -8.27 12.45 -11.11
N ALA B 253 -7.95 12.47 -12.40
CA ALA B 253 -7.07 13.49 -12.95
C ALA B 253 -7.91 14.64 -13.55
N LEU B 254 -7.93 15.77 -12.88
CA LEU B 254 -8.65 16.94 -13.41
C LEU B 254 -7.75 17.68 -14.36
N ASP B 255 -7.95 17.48 -15.66
CA ASP B 255 -7.25 18.21 -16.70
C ASP B 255 -5.75 17.97 -16.61
N ALA B 256 -5.34 16.71 -16.69
CA ALA B 256 -3.96 16.35 -16.40
C ALA B 256 -2.97 16.91 -17.44
N TRP B 257 -1.81 17.34 -16.96
CA TRP B 257 -0.71 17.74 -17.84
C TRP B 257 0.27 16.57 -17.92
N MET B 258 0.33 15.91 -19.07
CA MET B 258 0.98 14.61 -19.16
C MET B 258 2.50 14.68 -19.36
N PHE B 259 2.99 15.87 -19.66
CA PHE B 259 4.40 16.06 -19.98
C PHE B 259 5.39 15.49 -18.95
N PRO B 260 5.13 15.65 -17.63
CA PRO B 260 6.13 15.14 -16.68
C PRO B 260 6.22 13.62 -16.61
N LEU B 261 5.20 12.92 -17.08
CA LEU B 261 5.21 11.47 -16.96
C LEU B 261 6.19 10.85 -17.94
N GLY B 262 7.01 9.91 -17.46
CA GLY B 262 7.84 9.09 -18.31
C GLY B 262 7.04 8.02 -19.07
N ASP B 263 7.69 7.39 -20.04
CA ASP B 263 7.03 6.52 -21.01
C ASP B 263 6.63 5.15 -20.42
N GLU B 264 7.22 4.81 -19.29
CA GLU B 264 7.02 3.51 -18.68
C GLU B 264 5.74 3.39 -17.83
N VAL B 265 5.17 4.50 -17.36
CA VAL B 265 4.05 4.39 -16.43
C VAL B 265 2.65 4.22 -17.04
N TYR B 266 2.43 4.74 -18.25
CA TYR B 266 1.11 4.66 -18.92
C TYR B 266 0.59 3.23 -18.95
N SER B 267 1.52 2.28 -19.07
CA SER B 267 1.20 0.86 -19.10
C SER B 267 1.26 0.23 -17.69
N ARG B 268 1.18 1.07 -16.65
CA ARG B 268 1.42 0.59 -15.30
C ARG B 268 0.48 1.22 -14.26
N ILE B 269 -0.77 1.41 -14.66
CA ILE B 269 -1.80 1.95 -13.76
C ILE B 269 -2.97 0.96 -13.55
N PRO B 270 -2.80 -0.01 -12.63
CA PRO B 270 -3.88 -0.92 -12.26
C PRO B 270 -5.23 -0.26 -11.88
N GLN B 271 -5.21 0.77 -11.04
CA GLN B 271 -6.46 1.31 -10.52
C GLN B 271 -7.35 2.05 -11.55
N PRO B 272 -8.68 2.04 -11.34
CA PRO B 272 -9.56 2.90 -12.12
C PRO B 272 -9.08 4.38 -12.16
N LEU B 273 -9.01 4.95 -13.36
CA LEU B 273 -8.46 6.29 -13.57
C LEU B 273 -9.43 7.16 -14.37
N PHE B 274 -9.81 8.30 -13.82
CA PHE B 274 -10.86 9.14 -14.40
C PHE B 274 -10.26 10.47 -14.87
N PHE B 275 -10.36 10.72 -16.18
CA PHE B 275 -9.93 12.00 -16.73
C PHE B 275 -11.10 12.99 -16.80
N ILE B 276 -10.97 14.15 -16.15
CA ILE B 276 -11.97 15.19 -16.36
C ILE B 276 -11.33 16.44 -16.95
N ASN B 277 -11.63 16.72 -18.21
CA ASN B 277 -10.92 17.78 -18.95
C ASN B 277 -11.70 19.08 -19.18
N SER B 278 -10.97 20.16 -19.37
CA SER B 278 -11.59 21.39 -19.88
C SER B 278 -11.57 21.38 -21.42
N GLU B 279 -12.49 22.15 -22.01
CA GLU B 279 -12.53 22.19 -23.46
C GLU B 279 -11.35 22.93 -24.03
N TYR B 280 -10.83 23.96 -23.35
CA TYR B 280 -9.79 24.76 -24.00
C TYR B 280 -8.34 24.46 -23.58
N PHE B 281 -8.16 23.66 -22.53
CA PHE B 281 -6.78 23.33 -22.17
C PHE B 281 -6.17 22.31 -23.10
N GLN B 282 -6.94 21.31 -23.52
CA GLN B 282 -6.34 20.12 -24.11
C GLN B 282 -5.77 20.31 -25.52
N TYR B 283 -5.03 19.31 -25.96
CA TYR B 283 -4.31 19.34 -27.23
C TYR B 283 -3.82 17.91 -27.53
N PRO B 284 -3.53 17.62 -28.81
CA PRO B 284 -3.17 16.26 -29.26
C PRO B 284 -2.11 15.55 -28.41
N ALA B 285 -0.93 16.17 -28.31
CA ALA B 285 0.22 15.57 -27.63
C ALA B 285 -0.14 15.15 -26.22
N ASN B 286 -1.01 15.93 -25.59
CA ASN B 286 -1.48 15.61 -24.26
C ASN B 286 -2.46 14.44 -24.30
N ILE B 287 -3.55 14.61 -25.06
CA ILE B 287 -4.58 13.58 -25.19
C ILE B 287 -4.05 12.23 -25.65
N ILE B 288 -3.02 12.23 -26.50
CA ILE B 288 -2.44 10.97 -26.97
C ILE B 288 -1.76 10.26 -25.79
N LYS B 289 -1.11 11.04 -24.93
CA LYS B 289 -0.46 10.50 -23.75
C LYS B 289 -1.49 10.06 -22.71
N MET B 290 -2.72 10.54 -22.81
CA MET B 290 -3.79 9.98 -21.97
C MET B 290 -4.27 8.68 -22.60
N LYS B 291 -4.33 8.64 -23.92
CA LYS B 291 -4.90 7.50 -24.63
C LYS B 291 -4.08 6.26 -24.33
N LYS B 292 -2.76 6.45 -24.26
CA LYS B 292 -1.78 5.43 -23.93
C LYS B 292 -2.05 4.70 -22.60
N CYS B 293 -2.84 5.31 -21.72
CA CYS B 293 -3.11 4.72 -20.42
C CYS B 293 -4.24 3.68 -20.48
N TYR B 294 -4.92 3.61 -21.61
CA TYR B 294 -6.03 2.68 -21.78
C TYR B 294 -5.57 1.24 -22.03
N SER B 295 -6.26 0.29 -21.41
CA SER B 295 -6.08 -1.13 -21.66
C SER B 295 -7.44 -1.76 -21.35
N PRO B 296 -7.85 -2.78 -22.12
CA PRO B 296 -9.24 -3.23 -22.00
C PRO B 296 -9.51 -3.96 -20.68
N LYS B 298 -8.68 -2.93 -17.72
CA LYS B 298 -8.49 -1.79 -16.83
C LYS B 298 -9.57 -0.72 -17.07
N GLU B 299 -10.09 -0.13 -16.00
CA GLU B 299 -11.20 0.81 -16.13
C GLU B 299 -10.75 2.28 -16.28
N ARG B 300 -11.20 2.92 -17.37
CA ARG B 300 -10.87 4.32 -17.67
C ARG B 300 -12.08 5.10 -18.21
N LYS B 301 -12.53 6.10 -17.48
CA LYS B 301 -13.58 7.00 -17.96
C LYS B 301 -13.00 8.39 -18.29
N MET B 302 -13.63 9.09 -19.23
CA MET B 302 -13.16 10.42 -19.68
C MET B 302 -14.28 11.33 -20.20
N ILE B 303 -14.36 12.54 -19.64
CA ILE B 303 -15.31 13.54 -20.13
C ILE B 303 -14.63 14.88 -20.38
N THR B 304 -15.28 15.74 -21.14
CA THR B 304 -14.80 17.10 -21.40
C THR B 304 -15.94 18.08 -21.12
N ILE B 305 -15.64 19.16 -20.41
CA ILE B 305 -16.67 20.11 -19.98
C ILE B 305 -16.78 21.26 -20.99
N ARG B 306 -18.01 21.62 -21.34
CA ARG B 306 -18.29 22.51 -22.47
C ARG B 306 -17.81 23.94 -22.24
N GLY B 307 -16.96 24.43 -23.13
CA GLY B 307 -16.45 25.79 -23.08
C GLY B 307 -15.52 26.13 -21.94
N SER B 308 -15.36 25.20 -21.01
CA SER B 308 -14.55 25.40 -19.82
C SER B 308 -13.09 25.62 -20.16
N VAL B 309 -12.39 26.28 -19.23
CA VAL B 309 -10.95 26.54 -19.32
C VAL B 309 -10.21 25.86 -18.16
N HIS B 310 -8.87 25.90 -18.21
CA HIS B 310 -8.00 25.26 -17.21
C HIS B 310 -8.29 25.74 -15.79
N GLN B 311 -8.45 27.05 -15.64
CA GLN B 311 -8.72 27.66 -14.34
C GLN B 311 -10.09 27.37 -13.73
N ASN B 312 -10.95 26.67 -14.46
CA ASN B 312 -12.27 26.35 -13.93
C ASN B 312 -12.21 25.38 -12.73
N PHE B 313 -11.08 24.70 -12.56
CA PHE B 313 -10.94 23.70 -11.51
C PHE B 313 -10.36 24.28 -10.19
N ALA B 314 -9.60 25.37 -10.29
CA ALA B 314 -9.00 25.99 -9.11
C ALA B 314 -9.88 27.14 -8.67
N ASP B 315 -9.64 27.68 -7.49
CA ASP B 315 -10.58 28.59 -6.88
C ASP B 315 -10.59 30.03 -7.43
N PHE B 316 -9.56 30.45 -8.15
CA PHE B 316 -9.53 31.83 -8.66
C PHE B 316 -10.61 32.11 -9.71
N THR B 317 -11.39 31.10 -10.05
CA THR B 317 -12.45 31.22 -11.04
C THR B 317 -13.68 31.76 -10.35
N PHE B 318 -13.63 31.84 -9.03
CA PHE B 318 -14.71 32.40 -8.22
C PHE B 318 -14.27 33.72 -7.58
N ALA B 319 -12.99 34.05 -7.68
CA ALA B 319 -12.47 35.20 -6.92
C ALA B 319 -12.64 36.55 -7.62
N THR B 320 -13.46 36.58 -8.66
CA THR B 320 -13.61 37.82 -9.42
C THR B 320 -14.91 37.84 -10.20
N GLY B 321 -15.11 38.89 -10.99
CA GLY B 321 -16.31 39.03 -11.80
C GLY B 321 -16.12 38.56 -13.23
N LYS B 322 -17.23 38.39 -13.94
CA LYS B 322 -17.23 37.75 -15.25
C LYS B 322 -16.29 38.41 -16.27
N ILE B 323 -16.36 39.73 -16.42
CA ILE B 323 -15.60 40.38 -17.48
C ILE B 323 -14.11 40.27 -17.18
N ILE B 324 -13.73 40.63 -15.96
CA ILE B 324 -12.34 40.48 -15.54
C ILE B 324 -11.95 39.00 -15.62
N GLY B 325 -12.80 38.15 -15.04
CA GLY B 325 -12.61 36.72 -15.08
C GLY B 325 -12.26 36.20 -16.45
N HIS B 326 -12.96 36.66 -17.48
CA HIS B 326 -12.61 36.26 -18.82
C HIS B 326 -11.28 36.84 -19.27
N MET B 327 -11.00 38.08 -18.90
CA MET B 327 -9.78 38.74 -19.36
C MET B 327 -8.53 38.04 -18.81
N LEU B 328 -8.57 37.61 -17.56
CA LEU B 328 -7.39 36.99 -16.93
C LEU B 328 -7.34 35.47 -17.17
N LYS B 329 -8.31 34.97 -17.93
CA LYS B 329 -8.45 33.57 -18.33
C LYS B 329 -8.84 32.69 -17.13
N LEU B 330 -9.60 33.27 -16.21
CA LEU B 330 -10.08 32.57 -15.03
C LEU B 330 -11.43 31.94 -15.25
N LYS B 331 -12.10 32.35 -16.32
CA LYS B 331 -13.46 31.87 -16.58
C LYS B 331 -13.60 31.44 -18.01
N GLY B 332 -14.58 30.59 -18.25
CA GLY B 332 -14.88 30.16 -19.59
C GLY B 332 -16.31 30.53 -19.93
N ASP B 333 -16.87 29.85 -20.91
CA ASP B 333 -18.22 30.12 -21.34
C ASP B 333 -19.21 29.66 -20.31
N ILE B 334 -19.01 28.44 -19.83
CA ILE B 334 -19.86 27.88 -18.79
C ILE B 334 -19.72 28.70 -17.52
N ASP B 335 -20.81 28.83 -16.77
CA ASP B 335 -20.75 29.49 -15.48
C ASP B 335 -19.85 28.65 -14.60
N SER B 336 -18.92 29.33 -13.92
CA SER B 336 -17.95 28.68 -13.05
C SER B 336 -18.58 27.73 -12.05
N ASN B 337 -19.65 28.12 -11.39
CA ASN B 337 -20.23 27.22 -10.38
C ASN B 337 -20.98 26.06 -11.06
N VAL B 338 -21.35 26.29 -12.33
CA VAL B 338 -22.09 25.30 -13.09
C VAL B 338 -21.11 24.33 -13.77
N ALA B 339 -19.82 24.61 -13.63
CA ALA B 339 -18.79 23.71 -14.10
C ALA B 339 -18.27 22.88 -12.92
N ILE B 340 -18.01 23.54 -11.80
CA ILE B 340 -17.43 22.87 -10.64
C ILE B 340 -18.44 21.86 -10.11
N ASP B 341 -19.73 22.17 -10.28
CA ASP B 341 -20.80 21.27 -9.86
C ASP B 341 -20.74 20.01 -10.70
N LEU B 342 -20.50 20.16 -11.99
CA LEU B 342 -20.43 19.02 -12.90
C LEU B 342 -19.29 18.11 -12.50
N SER B 343 -18.08 18.63 -12.65
CA SER B 343 -16.85 17.95 -12.26
C SER B 343 -16.91 17.32 -10.88
N ASN B 344 -17.58 17.98 -9.93
CA ASN B 344 -17.71 17.41 -8.59
C ASN B 344 -18.67 16.22 -8.56
N LYS B 345 -19.80 16.36 -9.24
CA LYS B 345 -20.80 15.30 -9.28
C LYS B 345 -20.27 14.06 -10.03
N ALA B 346 -19.73 14.27 -11.23
CA ALA B 346 -19.05 13.20 -11.94
C ALA B 346 -17.97 12.58 -11.05
N SER B 347 -17.40 13.38 -10.15
CA SER B 347 -16.33 12.93 -9.29
C SER B 347 -16.87 11.94 -8.26
N LEU B 348 -17.85 12.41 -7.50
CA LEU B 348 -18.48 11.62 -6.45
C LEU B 348 -19.05 10.31 -6.96
N ALA B 349 -19.55 10.32 -8.19
CA ALA B 349 -20.10 9.13 -8.79
C ALA B 349 -18.99 8.12 -9.02
N PHE B 350 -17.96 8.56 -9.73
CA PHE B 350 -16.82 7.73 -10.04
C PHE B 350 -16.19 7.16 -8.77
N LEU B 351 -16.11 8.00 -7.74
CA LEU B 351 -15.60 7.58 -6.44
C LEU B 351 -16.43 6.42 -5.87
N GLN B 352 -17.75 6.59 -5.78
CA GLN B 352 -18.61 5.54 -5.27
C GLN B 352 -18.53 4.23 -6.07
N LYS B 353 -18.45 4.36 -7.38
CA LYS B 353 -18.36 3.19 -8.26
C LYS B 353 -17.09 2.38 -7.99
N HIS B 354 -16.01 3.04 -7.61
CA HIS B 354 -14.72 2.37 -7.56
C HIS B 354 -14.05 2.37 -6.19
N LEU B 355 -14.74 2.91 -5.19
CA LEU B 355 -14.35 2.73 -3.80
C LEU B 355 -15.43 1.96 -3.06
N GLY B 356 -16.55 1.73 -3.74
CA GLY B 356 -17.66 1.00 -3.15
C GLY B 356 -18.30 1.77 -2.02
N LEU B 357 -18.81 2.96 -2.32
CA LEU B 357 -19.44 3.81 -1.32
C LEU B 357 -20.94 3.55 -1.20
N HIS B 358 -21.48 3.85 -0.03
CA HIS B 358 -22.88 3.63 0.29
C HIS B 358 -23.62 4.97 0.37
N LYS B 359 -23.93 5.55 -0.78
CA LYS B 359 -24.64 6.83 -0.82
C LYS B 359 -25.22 7.10 -2.23
N ASP B 360 -25.94 8.21 -2.39
CA ASP B 360 -26.75 8.44 -3.59
C ASP B 360 -25.96 8.82 -4.85
N PHE B 361 -24.62 8.90 -4.73
CA PHE B 361 -23.78 9.45 -5.80
C PHE B 361 -23.97 8.81 -7.15
N ASP B 362 -24.61 7.63 -7.19
CA ASP B 362 -24.76 6.91 -8.45
C ASP B 362 -25.82 7.57 -9.32
N GLN B 363 -26.66 8.42 -8.73
CA GLN B 363 -27.58 9.25 -9.51
C GLN B 363 -26.80 9.96 -10.62
N TRP B 364 -25.56 10.32 -10.30
CA TRP B 364 -24.70 11.06 -11.19
C TRP B 364 -23.86 10.18 -12.08
N ASP B 365 -24.30 8.95 -12.34
CA ASP B 365 -23.50 8.04 -13.16
C ASP B 365 -23.46 8.47 -14.63
N CYS B 366 -24.49 9.18 -15.07
CA CYS B 366 -24.54 9.61 -16.47
C CYS B 366 -23.39 10.57 -16.82
N LEU B 367 -23.00 11.37 -15.83
CA LEU B 367 -21.88 12.27 -15.99
C LEU B 367 -20.58 11.56 -16.35
N ILE B 368 -20.26 10.46 -15.65
CA ILE B 368 -19.06 9.68 -15.94
C ILE B 368 -19.03 9.32 -17.43
N GLU B 369 -20.22 9.17 -18.00
CA GLU B 369 -20.31 8.90 -19.43
C GLU B 369 -20.23 10.21 -20.22
N GLY B 370 -20.71 11.29 -19.64
CA GLY B 370 -20.63 12.58 -20.29
C GLY B 370 -21.87 12.93 -21.07
N ASP B 371 -23.02 12.52 -20.53
CA ASP B 371 -24.30 12.76 -21.18
C ASP B 371 -24.53 14.27 -21.34
N ASP B 372 -24.69 14.97 -20.21
CA ASP B 372 -25.00 16.41 -20.09
C ASP B 372 -24.76 17.31 -21.31
N GLU B 373 -25.69 18.23 -21.54
CA GLU B 373 -25.55 19.24 -22.59
C GLU B 373 -24.18 19.90 -22.50
N ASN B 374 -23.70 20.05 -21.26
CA ASN B 374 -22.45 20.72 -20.97
C ASN B 374 -21.28 19.76 -20.89
N LEU B 375 -21.55 18.49 -21.16
CA LEU B 375 -20.47 17.50 -21.11
C LEU B 375 -20.30 16.76 -22.44
N ILE B 376 -19.05 16.44 -22.74
CA ILE B 376 -18.68 15.67 -23.91
C ILE B 376 -18.08 14.33 -23.48
N PRO B 377 -18.64 13.20 -23.98
CA PRO B 377 -17.89 11.96 -23.78
C PRO B 377 -16.51 12.12 -24.41
N GLY B 378 -15.49 11.62 -23.74
CA GLY B 378 -14.13 11.73 -24.24
C GLY B 378 -13.66 13.16 -24.48
N THR B 379 -13.16 13.41 -25.69
CA THR B 379 -12.55 14.68 -25.98
C THR B 379 -12.77 15.11 -27.42
N ASN B 380 -13.00 16.42 -27.60
CA ASN B 380 -13.16 17.01 -28.92
C ASN B 380 -11.98 16.76 -29.82
N ILE B 381 -10.81 16.50 -29.25
CA ILE B 381 -9.61 16.17 -30.04
C ILE B 381 -9.62 14.70 -30.48
N ASN B 382 -9.66 14.48 -31.79
CA ASN B 382 -9.70 13.13 -32.34
C ASN B 382 -8.29 12.69 -32.67
#